data_6U09
#
_entry.id   6U09
#
_cell.length_a   38.100
_cell.length_b   38.240
_cell.length_c   147.790
_cell.angle_alpha   95.500
_cell.angle_beta   87.280
_cell.angle_gamma   101.850
#
_symmetry.space_group_name_H-M   'P 1'
#
loop_
_entity.id
_entity.type
_entity.pdbx_description
1 polymer 'Eukaryotic translation initiation factor 4E'
2 non-polymer '3-{(1-oxo-1,2-dihydroisoquinolin-7-yl)[(pyridin-4-yl)methyl]sulfamoyl}benzene-1-sulfonyl fluoride'
3 water water
#
_entity_poly.entity_id   1
_entity_poly.type   'polypeptide(L)'
_entity_poly.pdbx_seq_one_letter_code
;VANPEHYIKHPLQNRWALWFFKNDKSKTWQANLRLISKFDTVEDFWALYNHIQLSSNLMPGCDYSLFKDGIEPMWEDEKN
KRGGRWLITLNKQQRRSDLDRFWLETLLCLIGESFDDYSDDVCGAVVNVRAKGDKIAIWTTECENRDAVTHIGRVYKERL
GLPPKIVIGYQSHADTATKSGSTTKNRFVV
;
_entity_poly.pdbx_strand_id   A,B,C,D
#
loop_
_chem_comp.id
_chem_comp.type
_chem_comp.name
_chem_comp.formula
EI9 non-polymer '3-{(1-oxo-1,2-dihydroisoquinolin-7-yl)[(pyridin-4-yl)methyl]sulfamoyl}benzene-1-sulfonyl fluoride' 'C21 H16 F N3 O5 S2'
#
# COMPACT_ATOMS: atom_id res chain seq x y z
N ASN A 3 11.60 -17.14 -46.80
CA ASN A 3 11.00 -17.28 -45.47
C ASN A 3 11.88 -16.64 -44.41
N PRO A 4 11.74 -15.33 -44.24
CA PRO A 4 12.63 -14.57 -43.35
C PRO A 4 12.75 -15.09 -41.92
N GLU A 5 11.76 -15.84 -41.42
CA GLU A 5 11.80 -16.26 -40.01
C GLU A 5 13.02 -17.12 -39.72
N HIS A 6 13.56 -17.81 -40.73
CA HIS A 6 14.67 -18.73 -40.50
C HIS A 6 15.96 -17.99 -40.13
N TYR A 7 16.22 -16.83 -40.74
CA TYR A 7 17.54 -16.23 -40.66
C TYR A 7 17.57 -14.79 -40.14
N ILE A 8 16.43 -14.18 -39.86
CA ILE A 8 16.41 -12.78 -39.42
C ILE A 8 16.28 -12.74 -37.91
N LYS A 9 17.08 -11.87 -37.27
CA LYS A 9 16.96 -11.66 -35.83
C LYS A 9 15.68 -10.90 -35.53
N HIS A 10 15.16 -11.10 -34.33
CA HIS A 10 13.87 -10.53 -33.98
C HIS A 10 14.08 -9.14 -33.39
N PRO A 11 13.70 -8.07 -34.09
CA PRO A 11 13.98 -6.72 -33.60
C PRO A 11 13.12 -6.38 -32.40
N LEU A 12 13.69 -5.63 -31.47
CA LEU A 12 12.96 -5.07 -30.34
C LEU A 12 12.36 -3.72 -30.74
N GLN A 13 11.33 -3.32 -30.02
CA GLN A 13 10.71 -2.01 -30.28
C GLN A 13 11.72 -0.89 -30.11
N ASN A 14 12.58 -0.99 -29.10
CA ASN A 14 13.60 0.02 -28.81
C ASN A 14 14.99 -0.58 -28.85
N ARG A 15 15.97 0.30 -29.07
CA ARG A 15 17.36 -0.01 -28.80
C ARG A 15 17.64 0.38 -27.35
N TRP A 16 18.38 -0.48 -26.66
CA TRP A 16 18.62 -0.38 -25.23
C TRP A 16 20.13 -0.37 -24.96
N ALA A 17 20.53 0.33 -23.89
CA ALA A 17 21.92 0.41 -23.45
C ALA A 17 22.00 -0.20 -22.06
N LEU A 18 22.92 -1.14 -21.88
CA LEU A 18 23.22 -1.73 -20.58
C LEU A 18 24.47 -1.07 -20.00
N TRP A 19 24.35 -0.58 -18.77
CA TRP A 19 25.37 0.22 -18.09
C TRP A 19 25.82 -0.51 -16.83
N PHE A 20 27.07 -0.28 -16.44
CA PHE A 20 27.63 -0.86 -15.23
C PHE A 20 28.24 0.26 -14.41
N PHE A 21 28.08 0.15 -13.10
CA PHE A 21 28.68 1.08 -12.16
C PHE A 21 29.40 0.27 -11.09
N LYS A 22 30.61 0.69 -10.78
CA LYS A 22 31.30 0.18 -9.60
C LYS A 22 31.87 1.35 -8.83
N ASN A 23 31.77 1.27 -7.52
CA ASN A 23 32.29 2.33 -6.67
C ASN A 23 33.82 2.27 -6.64
N ASP A 24 34.46 3.23 -7.29
CA ASP A 24 35.90 3.46 -7.19
C ASP A 24 36.05 4.88 -6.68
N LYS A 25 36.52 5.02 -5.43
CA LYS A 25 36.58 6.33 -4.80
C LYS A 25 37.61 7.27 -5.43
N SER A 26 38.52 6.75 -6.26
CA SER A 26 39.45 7.60 -7.00
C SER A 26 38.77 8.42 -8.09
N LYS A 27 37.57 8.04 -8.50
CA LYS A 27 36.93 8.71 -9.62
C LYS A 27 35.61 9.36 -9.19
N THR A 28 35.18 10.32 -10.00
CA THR A 28 33.86 10.91 -9.87
C THR A 28 32.77 9.87 -10.15
N TRP A 29 31.56 10.15 -9.62
CA TRP A 29 30.44 9.25 -9.84
C TRP A 29 30.19 9.03 -11.33
N GLN A 30 30.20 10.11 -12.11
CA GLN A 30 29.94 9.98 -13.54
C GLN A 30 31.00 9.13 -14.21
N ALA A 31 32.28 9.37 -13.88
CA ALA A 31 33.36 8.62 -14.51
C ALA A 31 33.32 7.13 -14.17
N ASN A 32 32.57 6.74 -13.14
CA ASN A 32 32.41 5.35 -12.74
C ASN A 32 31.26 4.65 -13.45
N LEU A 33 30.42 5.38 -14.16
CA LEU A 33 29.25 4.85 -14.84
C LEU A 33 29.65 4.53 -16.28
N ARG A 34 29.57 3.24 -16.66
CA ARG A 34 30.26 2.72 -17.83
C ARG A 34 29.35 1.91 -18.74
N LEU A 35 29.41 2.20 -20.04
CA LEU A 35 28.53 1.54 -21.00
C LEU A 35 29.09 0.18 -21.37
N ILE A 36 28.29 -0.86 -21.15
CA ILE A 36 28.66 -2.23 -21.47
C ILE A 36 28.43 -2.44 -22.96
N SER A 37 27.17 -2.40 -23.37
CA SER A 37 26.87 -2.52 -24.80
C SER A 37 25.43 -2.09 -25.06
N LYS A 38 25.15 -1.83 -26.33
CA LYS A 38 23.80 -1.60 -26.79
C LYS A 38 23.30 -2.79 -27.60
N PHE A 39 21.99 -3.00 -27.61
CA PHE A 39 21.40 -4.09 -28.37
C PHE A 39 20.00 -3.70 -28.81
N ASP A 40 19.53 -4.34 -29.90
CA ASP A 40 18.19 -4.01 -30.36
C ASP A 40 17.48 -5.19 -30.99
N THR A 41 17.87 -6.41 -30.61
CA THR A 41 17.17 -7.62 -31.04
C THR A 41 17.08 -8.56 -29.84
N VAL A 42 16.14 -9.51 -29.93
CA VAL A 42 16.01 -10.50 -28.86
C VAL A 42 17.28 -11.32 -28.72
N GLU A 43 17.83 -11.76 -29.86
CA GLU A 43 19.02 -12.60 -29.86
C GLU A 43 20.20 -11.87 -29.24
N ASP A 44 20.36 -10.58 -29.57
CA ASP A 44 21.47 -9.85 -28.98
C ASP A 44 21.27 -9.56 -27.50
N PHE A 45 20.02 -9.42 -27.04
CA PHE A 45 19.80 -9.30 -25.60
C PHE A 45 20.27 -10.55 -24.87
N TRP A 46 19.89 -11.73 -25.37
CA TRP A 46 20.22 -12.94 -24.64
C TRP A 46 21.71 -13.24 -24.70
N ALA A 47 22.38 -12.89 -25.81
CA ALA A 47 23.82 -13.09 -25.89
C ALA A 47 24.54 -12.23 -24.85
N LEU A 48 24.08 -10.99 -24.66
CA LEU A 48 24.67 -10.13 -23.65
C LEU A 48 24.36 -10.63 -22.25
N TYR A 49 23.08 -10.95 -21.98
CA TYR A 49 22.70 -11.38 -20.63
C TYR A 49 23.42 -12.67 -20.23
N ASN A 50 23.58 -13.63 -21.16
CA ASN A 50 24.23 -14.91 -20.84
C ASN A 50 25.74 -14.76 -20.63
N HIS A 51 26.29 -13.61 -20.94
CA HIS A 51 27.73 -13.37 -20.89
C HIS A 51 28.16 -12.64 -19.62
N ILE A 52 27.25 -11.98 -18.93
CA ILE A 52 27.62 -11.12 -17.82
C ILE A 52 27.19 -11.76 -16.50
N GLN A 53 27.77 -11.23 -15.42
CA GLN A 53 27.52 -11.76 -14.08
C GLN A 53 26.07 -11.54 -13.68
N LEU A 54 25.51 -12.51 -12.95
CA LEU A 54 24.25 -12.28 -12.25
C LEU A 54 24.44 -11.20 -11.21
N SER A 55 23.37 -10.42 -10.99
CA SER A 55 23.44 -9.33 -10.02
C SER A 55 23.82 -9.84 -8.65
N SER A 56 23.34 -11.03 -8.29
CA SER A 56 23.64 -11.59 -6.97
C SER A 56 25.13 -11.91 -6.80
N ASN A 57 25.90 -11.95 -7.87
CA ASN A 57 27.33 -12.24 -7.81
C ASN A 57 28.20 -10.99 -7.88
N LEU A 58 27.59 -9.81 -7.97
CA LEU A 58 28.34 -8.56 -8.03
C LEU A 58 28.85 -8.17 -6.65
N MET A 59 29.92 -7.40 -6.66
CA MET A 59 30.43 -6.89 -5.40
C MET A 59 29.50 -5.79 -4.88
N PRO A 60 29.28 -5.72 -3.57
CA PRO A 60 28.47 -4.63 -3.01
C PRO A 60 29.00 -3.28 -3.46
N GLY A 61 28.08 -2.38 -3.79
CA GLY A 61 28.45 -1.10 -4.35
C GLY A 61 28.34 -1.01 -5.86
N CYS A 62 28.14 -2.11 -6.56
CA CYS A 62 27.94 -2.10 -8.01
C CYS A 62 26.47 -1.99 -8.42
N ASP A 63 26.22 -1.46 -9.63
CA ASP A 63 24.89 -1.40 -10.23
C ASP A 63 24.93 -1.95 -11.65
N TYR A 64 23.82 -2.55 -12.10
CA TYR A 64 23.50 -2.56 -13.52
C TYR A 64 22.38 -1.58 -13.83
N SER A 65 22.37 -1.03 -15.04
CA SER A 65 21.15 -0.35 -15.42
C SER A 65 20.90 -0.54 -16.92
N LEU A 66 19.63 -0.54 -17.27
CA LEU A 66 19.22 -0.70 -18.65
C LEU A 66 18.37 0.50 -19.00
N PHE A 67 18.83 1.30 -19.96
CA PHE A 67 18.09 2.49 -20.36
C PHE A 67 17.91 2.51 -21.87
N LYS A 68 16.82 3.11 -22.30
CA LYS A 68 16.60 3.34 -23.74
C LYS A 68 17.77 4.13 -24.32
N ASP A 69 18.22 3.73 -25.50
CA ASP A 69 19.25 4.45 -26.21
C ASP A 69 18.92 5.94 -26.28
N GLY A 70 19.89 6.78 -25.91
CA GLY A 70 19.68 8.21 -25.87
C GLY A 70 19.28 8.77 -24.51
N ILE A 71 18.95 7.94 -23.53
CA ILE A 71 18.68 8.38 -22.17
C ILE A 71 19.85 7.99 -21.29
N GLU A 72 20.52 8.98 -20.73
CA GLU A 72 21.61 8.69 -19.82
C GLU A 72 21.04 8.12 -18.51
N PRO A 73 21.75 7.19 -17.87
CA PRO A 73 21.30 6.64 -16.60
C PRO A 73 21.56 7.57 -15.42
N MET A 74 21.00 8.79 -15.48
CA MET A 74 21.10 9.68 -14.34
C MET A 74 19.94 10.65 -14.33
N TRP A 75 19.59 11.08 -13.11
CA TRP A 75 18.46 11.98 -12.87
C TRP A 75 18.49 13.21 -13.75
N GLU A 76 19.68 13.70 -14.08
CA GLU A 76 19.82 14.97 -14.77
C GLU A 76 19.51 14.89 -16.25
N ASP A 77 19.37 13.69 -16.82
CA ASP A 77 18.95 13.58 -18.21
C ASP A 77 17.59 14.25 -18.40
N GLU A 78 17.40 14.87 -19.57
CA GLU A 78 16.15 15.56 -19.85
C GLU A 78 14.93 14.66 -19.65
N LYS A 79 15.04 13.37 -19.98
CA LYS A 79 13.92 12.45 -19.86
C LYS A 79 13.76 11.88 -18.45
N ASN A 80 14.75 12.08 -17.58
CA ASN A 80 14.61 11.66 -16.18
C ASN A 80 14.32 12.80 -15.20
N LYS A 81 14.65 14.06 -15.53
CA LYS A 81 14.68 15.07 -14.47
C LYS A 81 13.30 15.37 -13.89
N ARG A 82 12.23 15.17 -14.65
CA ARG A 82 10.87 15.35 -14.14
C ARG A 82 10.19 14.03 -13.80
N GLY A 83 10.94 12.93 -13.75
CA GLY A 83 10.39 11.63 -13.52
C GLY A 83 10.71 11.10 -12.14
N GLY A 84 10.66 9.78 -12.01
CA GLY A 84 10.77 9.12 -10.73
C GLY A 84 10.82 7.62 -10.94
N ARG A 85 10.66 6.86 -9.86
CA ARG A 85 10.89 5.42 -9.97
C ARG A 85 9.97 4.62 -9.07
N TRP A 86 9.58 3.43 -9.56
CA TRP A 86 8.99 2.41 -8.73
C TRP A 86 10.11 1.60 -8.09
N LEU A 87 10.08 1.49 -6.76
CA LEU A 87 11.21 0.94 -6.01
C LEU A 87 10.83 -0.41 -5.42
N ILE A 88 11.67 -1.41 -5.68
CA ILE A 88 11.55 -2.72 -5.05
C ILE A 88 12.72 -2.81 -4.06
N THR A 89 12.42 -3.02 -2.79
CA THR A 89 13.48 -3.13 -1.78
C THR A 89 13.60 -4.58 -1.35
N LEU A 90 14.81 -5.09 -1.37
CA LEU A 90 15.07 -6.49 -1.06
C LEU A 90 15.81 -6.57 0.26
N ASN A 91 15.41 -7.52 1.11
CA ASN A 91 16.22 -7.71 2.29
C ASN A 91 17.42 -8.57 1.94
N LYS A 92 18.33 -8.71 2.92
CA LYS A 92 19.56 -9.44 2.67
C LYS A 92 19.30 -10.88 2.25
N GLN A 93 18.22 -11.51 2.75
CA GLN A 93 17.89 -12.87 2.35
C GLN A 93 17.36 -12.94 0.91
N GLN A 94 16.79 -11.85 0.39
CA GLN A 94 16.27 -11.90 -0.96
C GLN A 94 17.35 -11.80 -2.02
N ARG A 95 18.58 -11.43 -1.66
CA ARG A 95 19.64 -11.53 -2.65
C ARG A 95 19.76 -12.97 -3.15
N ARG A 96 19.58 -13.94 -2.26
CA ARG A 96 19.61 -15.32 -2.71
C ARG A 96 18.32 -15.71 -3.43
N SER A 97 17.17 -15.33 -2.88
CA SER A 97 15.91 -15.88 -3.34
C SER A 97 15.30 -15.13 -4.54
N ASP A 98 15.47 -13.82 -4.62
CA ASP A 98 14.60 -13.04 -5.52
C ASP A 98 15.36 -12.10 -6.44
N LEU A 99 16.55 -11.64 -6.04
CA LEU A 99 17.21 -10.57 -6.77
C LEU A 99 17.39 -10.88 -8.26
N ASP A 100 17.97 -12.05 -8.58
CA ASP A 100 18.25 -12.33 -9.99
C ASP A 100 16.97 -12.54 -10.77
N ARG A 101 15.99 -13.24 -10.19
CA ARG A 101 14.77 -13.47 -10.95
C ARG A 101 13.96 -12.18 -11.09
N PHE A 102 13.95 -11.33 -10.06
CA PHE A 102 13.28 -10.03 -10.18
C PHE A 102 13.94 -9.14 -11.23
N TRP A 103 15.29 -9.12 -11.27
CA TRP A 103 15.98 -8.28 -12.24
C TRP A 103 15.73 -8.76 -13.68
N LEU A 104 15.82 -10.07 -13.91
CA LEU A 104 15.52 -10.57 -15.25
C LEU A 104 14.09 -10.22 -15.67
N GLU A 105 13.12 -10.36 -14.75
CA GLU A 105 11.75 -10.00 -15.09
C GLU A 105 11.63 -8.51 -15.41
N THR A 106 12.39 -7.68 -14.70
CA THR A 106 12.40 -6.25 -14.97
C THR A 106 12.95 -5.96 -16.35
N LEU A 107 14.08 -6.60 -16.70
CA LEU A 107 14.62 -6.43 -18.04
C LEU A 107 13.60 -6.81 -19.10
N LEU A 108 12.90 -7.92 -18.87
CA LEU A 108 11.93 -8.39 -19.88
C LEU A 108 10.72 -7.47 -19.97
N CYS A 109 10.22 -6.97 -18.83
CA CYS A 109 9.19 -5.93 -18.84
C CYS A 109 9.60 -4.77 -19.73
N LEU A 110 10.86 -4.36 -19.64
CA LEU A 110 11.34 -3.27 -20.47
C LEU A 110 11.40 -3.67 -21.96
N ILE A 111 12.24 -4.64 -22.32
CA ILE A 111 12.48 -4.90 -23.75
C ILE A 111 11.22 -5.45 -24.42
N GLY A 112 10.37 -6.11 -23.65
CA GLY A 112 9.09 -6.60 -24.12
C GLY A 112 7.98 -5.58 -24.14
N GLU A 113 8.22 -4.34 -23.70
CA GLU A 113 7.22 -3.27 -23.78
C GLU A 113 5.91 -3.68 -23.10
N SER A 114 6.02 -4.17 -21.88
CA SER A 114 4.90 -4.83 -21.21
C SER A 114 3.90 -3.88 -20.56
N PHE A 115 4.08 -2.56 -20.68
CA PHE A 115 3.18 -1.61 -20.05
C PHE A 115 2.19 -0.96 -21.04
N ASP A 116 1.83 -1.67 -22.10
CA ASP A 116 0.80 -1.25 -23.07
C ASP A 116 1.15 0.17 -23.57
N ASP A 117 0.18 1.08 -23.66
CA ASP A 117 0.41 2.44 -24.14
C ASP A 117 1.36 3.23 -23.27
N TYR A 118 1.67 2.76 -22.07
CA TYR A 118 2.50 3.53 -21.17
C TYR A 118 3.96 3.10 -21.22
N SER A 119 4.32 2.12 -22.06
CA SER A 119 5.72 1.75 -22.15
C SER A 119 6.58 2.91 -22.67
N ASP A 120 5.98 3.87 -23.40
CA ASP A 120 6.70 5.07 -23.80
C ASP A 120 7.10 5.97 -22.63
N ASP A 121 6.44 5.87 -21.48
CA ASP A 121 6.88 6.61 -20.28
C ASP A 121 8.07 5.96 -19.57
N VAL A 122 8.40 4.70 -19.87
CA VAL A 122 9.52 4.04 -19.22
C VAL A 122 10.82 4.59 -19.78
N CYS A 123 11.74 4.95 -18.89
CA CYS A 123 13.07 5.33 -19.32
C CYS A 123 14.08 4.20 -19.19
N GLY A 124 14.03 3.45 -18.08
CA GLY A 124 14.98 2.39 -17.87
C GLY A 124 14.78 1.76 -16.51
N ALA A 125 15.79 1.01 -16.08
CA ALA A 125 15.70 0.29 -14.80
C ALA A 125 17.09 0.11 -14.24
N VAL A 126 17.17 -0.01 -12.90
CA VAL A 126 18.43 0.00 -12.19
C VAL A 126 18.36 -1.06 -11.12
N VAL A 127 19.42 -1.84 -11.00
CA VAL A 127 19.58 -2.71 -9.83
C VAL A 127 20.81 -2.26 -9.08
N ASN A 128 20.66 -2.05 -7.76
CA ASN A 128 21.77 -1.68 -6.87
C ASN A 128 22.04 -2.85 -5.95
N VAL A 129 23.27 -3.35 -5.96
CA VAL A 129 23.68 -4.39 -5.03
C VAL A 129 24.37 -3.70 -3.86
N ARG A 130 23.78 -3.80 -2.65
CA ARG A 130 24.30 -3.08 -1.49
C ARG A 130 24.28 -3.95 -0.26
N ALA A 131 25.30 -3.79 0.57
CA ALA A 131 25.43 -4.57 1.81
C ALA A 131 24.19 -4.46 2.68
N LYS A 132 23.57 -3.29 2.73
CA LYS A 132 22.44 -3.01 3.61
C LYS A 132 21.10 -3.34 2.98
N GLY A 133 21.10 -3.97 1.80
CA GLY A 133 19.87 -4.30 1.11
C GLY A 133 19.89 -3.87 -0.36
N ASP A 134 19.56 -4.78 -1.28
CA ASP A 134 19.56 -4.46 -2.69
C ASP A 134 18.27 -3.76 -3.08
N LYS A 135 18.32 -3.08 -4.21
CA LYS A 135 17.17 -2.34 -4.71
C LYS A 135 17.06 -2.58 -6.21
N ILE A 136 15.83 -2.67 -6.70
CA ILE A 136 15.53 -2.67 -8.13
C ILE A 136 14.50 -1.58 -8.35
N ALA A 137 14.64 -0.83 -9.43
CA ALA A 137 13.72 0.28 -9.68
C ALA A 137 13.51 0.42 -11.18
N ILE A 138 12.26 0.70 -11.57
CA ILE A 138 11.92 1.12 -12.94
C ILE A 138 11.73 2.63 -12.95
N TRP A 139 12.48 3.31 -13.82
CA TRP A 139 12.43 4.76 -13.93
C TRP A 139 11.47 5.16 -15.04
N THR A 140 10.64 6.16 -14.76
CA THR A 140 9.71 6.70 -15.75
C THR A 140 9.89 8.22 -15.87
N THR A 141 9.34 8.76 -16.95
CA THR A 141 9.79 10.08 -17.40
C THR A 141 9.07 11.23 -16.71
N GLU A 142 7.90 11.00 -16.13
CA GLU A 142 7.07 12.12 -15.67
C GLU A 142 6.34 11.71 -14.40
N CYS A 143 6.77 12.25 -13.25
CA CYS A 143 6.19 11.81 -11.99
C CYS A 143 4.79 12.37 -11.72
N GLU A 144 4.30 13.28 -12.56
CA GLU A 144 2.95 13.81 -12.41
C GLU A 144 1.92 13.08 -13.27
N ASN A 145 2.33 12.17 -14.14
CA ASN A 145 1.38 11.43 -14.97
C ASN A 145 0.85 10.26 -14.14
N ARG A 146 -0.21 10.53 -13.37
CA ARG A 146 -0.72 9.53 -12.45
C ARG A 146 -1.18 8.26 -13.17
N ASP A 147 -1.87 8.41 -14.30
CA ASP A 147 -2.39 7.23 -14.99
C ASP A 147 -1.24 6.39 -15.55
N ALA A 148 -0.23 7.04 -16.13
CA ALA A 148 0.92 6.29 -16.63
C ALA A 148 1.64 5.59 -15.50
N VAL A 149 1.97 6.34 -14.44
CA VAL A 149 2.81 5.79 -13.39
C VAL A 149 2.11 4.65 -12.66
N THR A 150 0.83 4.81 -12.34
CA THR A 150 0.19 3.76 -11.55
C THR A 150 -0.12 2.52 -12.40
N HIS A 151 -0.41 2.67 -13.69
CA HIS A 151 -0.54 1.50 -14.53
C HIS A 151 0.77 0.72 -14.61
N ILE A 152 1.89 1.43 -14.77
CA ILE A 152 3.19 0.74 -14.80
C ILE A 152 3.43 0.02 -13.48
N GLY A 153 3.11 0.67 -12.37
CA GLY A 153 3.33 0.05 -11.06
C GLY A 153 2.48 -1.19 -10.83
N ARG A 154 1.21 -1.15 -11.25
CA ARG A 154 0.32 -2.29 -11.05
C ARG A 154 0.76 -3.49 -11.91
N VAL A 155 1.08 -3.23 -13.16
CA VAL A 155 1.58 -4.30 -14.03
C VAL A 155 2.89 -4.87 -13.48
N TYR A 156 3.83 -3.99 -13.15
CA TYR A 156 5.12 -4.44 -12.64
C TYR A 156 4.94 -5.31 -11.39
N LYS A 157 4.08 -4.87 -10.48
CA LYS A 157 3.87 -5.64 -9.26
C LYS A 157 3.35 -7.03 -9.59
N GLU A 158 2.43 -7.10 -10.56
CA GLU A 158 1.87 -8.38 -10.98
C GLU A 158 2.92 -9.24 -11.68
N ARG A 159 3.77 -8.63 -12.51
CA ARG A 159 4.76 -9.43 -13.23
C ARG A 159 5.81 -10.01 -12.30
N LEU A 160 6.15 -9.31 -11.23
CA LEU A 160 7.05 -9.82 -10.21
C LEU A 160 6.41 -10.90 -9.34
N GLY A 161 5.09 -11.05 -9.40
CA GLY A 161 4.41 -11.96 -8.49
C GLY A 161 4.27 -11.48 -7.07
N LEU A 162 4.32 -10.19 -6.82
CA LEU A 162 4.24 -9.70 -5.44
C LEU A 162 2.80 -9.75 -4.97
N PRO A 163 2.54 -10.26 -3.77
CA PRO A 163 1.16 -10.43 -3.30
C PRO A 163 0.61 -9.12 -2.78
N PRO A 164 -0.72 -9.03 -2.58
CA PRO A 164 -1.30 -7.80 -2.01
C PRO A 164 -0.77 -7.46 -0.63
N LYS A 165 -0.20 -8.42 0.08
CA LYS A 165 0.42 -8.13 1.37
C LYS A 165 1.63 -7.22 1.23
N ILE A 166 2.11 -6.99 0.01
CA ILE A 166 3.28 -6.15 -0.25
C ILE A 166 2.83 -4.87 -0.95
N VAL A 167 3.34 -3.73 -0.49
CA VAL A 167 3.07 -2.45 -1.15
C VAL A 167 4.40 -1.88 -1.64
N ILE A 168 4.40 -1.34 -2.86
CA ILE A 168 5.58 -0.70 -3.43
C ILE A 168 5.27 0.77 -3.68
N GLY A 169 6.32 1.59 -3.61
CA GLY A 169 6.18 3.02 -3.67
C GLY A 169 6.86 3.61 -4.89
N TYR A 170 6.36 4.76 -5.32
CA TYR A 170 6.95 5.51 -6.42
C TYR A 170 7.36 6.87 -5.87
N GLN A 171 8.63 7.22 -6.05
CA GLN A 171 9.15 8.51 -5.60
C GLN A 171 9.67 9.28 -6.80
N SER A 172 9.49 10.60 -6.79
CA SER A 172 10.10 11.39 -7.84
C SER A 172 11.60 11.51 -7.57
N HIS A 173 12.40 11.66 -8.64
CA HIS A 173 13.84 11.82 -8.45
C HIS A 173 14.16 13.11 -7.72
N ALA A 174 13.37 14.17 -7.95
CA ALA A 174 13.63 15.44 -7.30
C ALA A 174 13.57 15.32 -5.78
N ASP A 175 12.79 14.36 -5.27
CA ASP A 175 12.77 14.10 -3.84
C ASP A 175 13.87 13.13 -3.42
N THR A 176 14.14 12.12 -4.24
CA THR A 176 15.23 11.19 -3.93
C THR A 176 16.55 11.91 -3.77
N ALA A 177 16.81 12.89 -4.63
CA ALA A 177 18.06 13.62 -4.63
C ALA A 177 18.27 14.39 -3.33
N THR A 184 11.75 7.33 2.75
CA THR A 184 11.13 7.29 1.42
C THR A 184 9.85 8.14 1.39
N LYS A 185 9.81 9.11 0.49
CA LYS A 185 8.65 9.98 0.28
C LYS A 185 7.96 9.55 -1.01
N ASN A 186 6.77 8.97 -0.89
CA ASN A 186 6.07 8.38 -2.02
C ASN A 186 5.07 9.36 -2.63
N ARG A 187 5.07 9.45 -3.96
CA ARG A 187 3.97 10.08 -4.68
C ARG A 187 2.81 9.11 -4.86
N PHE A 188 3.10 7.85 -5.23
CA PHE A 188 2.09 6.83 -5.44
C PHE A 188 2.49 5.54 -4.75
N VAL A 189 1.50 4.76 -4.36
CA VAL A 189 1.75 3.43 -3.84
C VAL A 189 0.80 2.44 -4.50
N VAL A 190 1.31 1.24 -4.73
CA VAL A 190 0.53 0.19 -5.37
C VAL A 190 0.91 -1.15 -4.76
N PRO B 4 -45.43 16.15 -10.04
CA PRO B 4 -45.05 15.32 -8.89
C PRO B 4 -43.73 15.75 -8.24
N GLU B 5 -42.96 16.57 -8.95
CA GLU B 5 -41.67 17.00 -8.41
C GLU B 5 -41.84 17.74 -7.09
N HIS B 6 -42.96 18.45 -6.92
CA HIS B 6 -43.09 19.34 -5.77
C HIS B 6 -43.68 18.69 -4.53
N TYR B 7 -44.22 17.48 -4.62
CA TYR B 7 -44.80 16.84 -3.44
C TYR B 7 -44.42 15.38 -3.25
N ILE B 8 -43.64 14.78 -4.13
CA ILE B 8 -43.21 13.39 -3.99
C ILE B 8 -41.84 13.37 -3.33
N LYS B 9 -41.64 12.44 -2.40
CA LYS B 9 -40.30 12.18 -1.88
C LYS B 9 -39.47 11.47 -2.93
N HIS B 10 -38.16 11.63 -2.86
CA HIS B 10 -37.28 11.05 -3.87
C HIS B 10 -36.87 9.66 -3.42
N PRO B 11 -37.35 8.61 -4.07
CA PRO B 11 -37.09 7.25 -3.59
C PRO B 11 -35.63 6.87 -3.84
N LEU B 12 -35.06 6.12 -2.90
CA LEU B 12 -33.74 5.56 -3.08
C LEU B 12 -33.84 4.24 -3.84
N GLN B 13 -32.74 3.86 -4.47
CA GLN B 13 -32.73 2.58 -5.17
C GLN B 13 -33.00 1.43 -4.21
N ASN B 14 -32.49 1.53 -3.00
CA ASN B 14 -32.64 0.49 -1.98
C ASN B 14 -33.29 1.07 -0.72
N ARG B 15 -33.95 0.19 0.02
CA ARG B 15 -34.33 0.49 1.39
C ARG B 15 -33.17 0.07 2.29
N TRP B 16 -32.83 0.92 3.24
CA TRP B 16 -31.67 0.76 4.10
C TRP B 16 -32.12 0.69 5.56
N ALA B 17 -31.33 -0.01 6.38
CA ALA B 17 -31.55 -0.10 7.82
C ALA B 17 -30.34 0.45 8.55
N LEU B 18 -30.57 1.38 9.47
CA LEU B 18 -29.50 1.92 10.30
C LEU B 18 -29.54 1.23 11.65
N TRP B 19 -28.39 0.70 12.06
CA TRP B 19 -28.24 -0.09 13.27
C TRP B 19 -27.33 0.64 14.25
N PHE B 20 -27.51 0.38 15.54
CA PHE B 20 -26.63 0.93 16.57
C PHE B 20 -26.21 -0.20 17.48
N PHE B 21 -24.95 -0.17 17.88
CA PHE B 21 -24.41 -1.11 18.86
C PHE B 21 -23.83 -0.33 20.01
N LYS B 22 -24.20 -0.72 21.24
CA LYS B 22 -23.59 -0.21 22.46
C LYS B 22 -23.10 -1.40 23.27
N ASN B 23 -21.84 -1.35 23.67
CA ASN B 23 -21.32 -2.45 24.45
C ASN B 23 -21.95 -2.44 25.83
N ASP B 24 -22.69 -3.50 26.13
CA ASP B 24 -23.28 -3.73 27.44
C ASP B 24 -22.81 -5.11 27.85
N LYS B 25 -21.99 -5.18 28.90
CA LYS B 25 -21.44 -6.47 29.33
C LYS B 25 -22.51 -7.42 29.87
N SER B 26 -23.68 -6.89 30.24
CA SER B 26 -24.77 -7.74 30.73
C SER B 26 -25.40 -8.58 29.64
N LYS B 27 -25.18 -8.22 28.36
CA LYS B 27 -25.90 -8.83 27.26
C LYS B 27 -24.97 -9.50 26.28
N THR B 28 -25.51 -10.46 25.53
CA THR B 28 -24.80 -11.03 24.40
C THR B 28 -24.56 -9.95 23.34
N TRP B 29 -23.55 -10.20 22.49
CA TRP B 29 -23.25 -9.29 21.40
C TRP B 29 -24.47 -9.06 20.51
N GLN B 30 -25.19 -10.13 20.16
CA GLN B 30 -26.33 -9.96 19.25
C GLN B 30 -27.45 -9.17 19.93
N ALA B 31 -27.65 -9.36 21.23
CA ALA B 31 -28.66 -8.61 21.96
C ALA B 31 -28.36 -7.12 22.00
N ASN B 32 -27.08 -6.75 21.87
CA ASN B 32 -26.70 -5.35 21.96
C ASN B 32 -26.85 -4.62 20.63
N LEU B 33 -27.01 -5.37 19.54
CA LEU B 33 -27.19 -4.85 18.20
C LEU B 33 -28.66 -4.52 17.98
N ARG B 34 -28.98 -3.26 17.68
CA ARG B 34 -30.37 -2.81 17.70
C ARG B 34 -30.70 -1.86 16.56
N LEU B 35 -31.88 -2.05 15.98
CA LEU B 35 -32.26 -1.33 14.78
C LEU B 35 -32.84 0.03 15.15
N ILE B 36 -32.26 1.09 14.57
CA ILE B 36 -32.79 2.44 14.79
C ILE B 36 -34.01 2.67 13.93
N SER B 37 -33.84 2.57 12.62
CA SER B 37 -34.98 2.66 11.72
C SER B 37 -34.55 2.33 10.31
N LYS B 38 -35.54 2.15 9.45
CA LYS B 38 -35.37 1.93 8.03
C LYS B 38 -35.87 3.15 7.28
N PHE B 39 -35.32 3.33 6.09
CA PHE B 39 -35.72 4.45 5.24
C PHE B 39 -35.49 4.05 3.81
N ASP B 40 -36.23 4.70 2.90
CA ASP B 40 -36.05 4.41 1.49
C ASP B 40 -36.30 5.64 0.61
N THR B 41 -36.03 6.84 1.14
CA THR B 41 -36.12 8.07 0.37
C THR B 41 -34.99 8.98 0.83
N VAL B 42 -34.62 9.94 -0.02
CA VAL B 42 -33.61 10.93 0.36
C VAL B 42 -34.05 11.71 1.58
N GLU B 43 -35.31 12.17 1.58
CA GLU B 43 -35.83 13.01 2.65
C GLU B 43 -35.82 12.27 3.97
N ASP B 44 -36.21 10.99 3.95
CA ASP B 44 -36.18 10.21 5.20
C ASP B 44 -34.76 9.91 5.65
N PHE B 45 -33.81 9.76 4.73
CA PHE B 45 -32.43 9.62 5.16
C PHE B 45 -32.00 10.84 5.96
N TRP B 46 -32.23 12.05 5.41
CA TRP B 46 -31.72 13.24 6.09
C TRP B 46 -32.46 13.51 7.39
N ALA B 47 -33.73 13.12 7.48
CA ALA B 47 -34.44 13.32 8.73
C ALA B 47 -33.87 12.44 9.82
N LEU B 48 -33.49 11.21 9.45
CA LEU B 48 -32.88 10.31 10.41
C LEU B 48 -31.48 10.80 10.78
N TYR B 49 -30.66 11.16 9.78
CA TYR B 49 -29.29 11.56 10.06
C TYR B 49 -29.26 12.85 10.88
N ASN B 50 -30.22 13.74 10.66
CA ASN B 50 -30.18 15.02 11.35
C ASN B 50 -30.60 14.92 12.80
N HIS B 51 -31.17 13.80 13.24
CA HIS B 51 -31.59 13.74 14.62
C HIS B 51 -30.76 12.80 15.48
N ILE B 52 -29.75 12.12 14.90
CA ILE B 52 -28.92 11.21 15.67
C ILE B 52 -27.54 11.81 15.91
N GLN B 53 -26.86 11.27 16.91
CA GLN B 53 -25.54 11.77 17.30
C GLN B 53 -24.54 11.56 16.17
N LEU B 54 -23.65 12.53 15.97
CA LEU B 54 -22.46 12.29 15.17
C LEU B 54 -21.65 11.15 15.77
N SER B 55 -20.96 10.40 14.90
CA SER B 55 -20.14 9.29 15.36
C SER B 55 -19.06 9.74 16.32
N SER B 56 -18.46 10.90 16.05
CA SER B 56 -17.43 11.45 16.92
C SER B 56 -17.92 11.76 18.32
N ASN B 57 -19.24 11.76 18.56
CA ASN B 57 -19.83 12.04 19.86
C ASN B 57 -20.27 10.78 20.60
N LEU B 58 -20.21 9.62 19.98
CA LEU B 58 -20.59 8.39 20.65
C LEU B 58 -19.54 8.01 21.67
N MET B 59 -19.96 7.31 22.72
CA MET B 59 -19.00 6.83 23.69
C MET B 59 -18.21 5.65 23.11
N PRO B 60 -16.96 5.49 23.53
CA PRO B 60 -16.12 4.41 22.98
C PRO B 60 -16.79 3.05 23.16
N GLY B 61 -16.71 2.23 22.12
CA GLY B 61 -17.33 0.93 22.15
C GLY B 61 -18.65 0.85 21.41
N CYS B 62 -19.14 1.95 20.86
CA CYS B 62 -20.37 1.96 20.06
C CYS B 62 -20.08 1.89 18.56
N ASP B 63 -21.09 1.41 17.82
CA ASP B 63 -21.05 1.34 16.36
C ASP B 63 -22.35 1.85 15.77
N TYR B 64 -22.25 2.48 14.61
CA TYR B 64 -23.38 2.61 13.70
C TYR B 64 -23.16 1.66 12.53
N SER B 65 -24.24 1.11 11.98
CA SER B 65 -24.03 0.50 10.67
C SER B 65 -25.27 0.63 9.80
N LEU B 66 -25.05 0.80 8.50
CA LEU B 66 -26.11 0.96 7.52
C LEU B 66 -26.05 -0.24 6.61
N PHE B 67 -27.11 -1.03 6.59
CA PHE B 67 -27.12 -2.21 5.73
C PHE B 67 -28.38 -2.24 4.89
N LYS B 68 -28.24 -2.79 3.69
CA LYS B 68 -29.42 -3.02 2.84
C LYS B 68 -30.47 -3.80 3.63
N ASP B 69 -31.72 -3.38 3.49
CA ASP B 69 -32.80 -4.07 4.17
C ASP B 69 -32.82 -5.54 3.78
N GLY B 70 -32.89 -6.42 4.78
CA GLY B 70 -32.78 -7.84 4.57
C GLY B 70 -31.42 -8.43 4.86
N ILE B 71 -30.39 -7.60 5.03
CA ILE B 71 -29.05 -8.07 5.35
C ILE B 71 -28.75 -7.66 6.77
N GLU B 72 -28.60 -8.65 7.66
CA GLU B 72 -28.22 -8.34 9.03
C GLU B 72 -26.77 -7.89 9.08
N PRO B 73 -26.44 -6.99 10.02
CA PRO B 73 -25.07 -6.46 10.13
C PRO B 73 -24.18 -7.41 10.93
N MET B 74 -24.00 -8.62 10.39
CA MET B 74 -23.01 -9.52 10.96
C MET B 74 -22.53 -10.46 9.85
N TRP B 75 -21.30 -10.97 10.06
CA TRP B 75 -20.62 -11.84 9.11
C TRP B 75 -21.44 -13.06 8.74
N GLU B 76 -22.23 -13.57 9.68
CA GLU B 76 -22.92 -14.84 9.49
C GLU B 76 -24.06 -14.75 8.48
N ASP B 77 -24.58 -13.54 8.21
CA ASP B 77 -25.62 -13.39 7.19
C ASP B 77 -25.19 -14.04 5.88
N GLU B 78 -26.14 -14.69 5.19
CA GLU B 78 -25.81 -15.37 3.94
C GLU B 78 -25.14 -14.43 2.93
N LYS B 79 -25.55 -13.15 2.92
CA LYS B 79 -24.97 -12.18 2.00
C LYS B 79 -23.62 -11.63 2.47
N ASN B 80 -23.25 -11.86 3.72
CA ASN B 80 -21.93 -11.46 4.20
C ASN B 80 -20.94 -12.62 4.36
N LYS B 81 -21.40 -13.88 4.44
CA LYS B 81 -20.51 -14.97 4.85
C LYS B 81 -19.31 -15.14 3.91
N ARG B 82 -19.51 -14.92 2.61
CA ARG B 82 -18.46 -15.07 1.60
C ARG B 82 -17.81 -13.75 1.23
N GLY B 83 -18.11 -12.68 1.97
CA GLY B 83 -17.69 -11.35 1.61
C GLY B 83 -16.53 -10.85 2.44
N GLY B 84 -16.40 -9.53 2.48
CA GLY B 84 -15.27 -8.88 3.11
C GLY B 84 -15.52 -7.38 3.18
N ARG B 85 -14.46 -6.64 3.51
CA ARG B 85 -14.66 -5.21 3.72
C ARG B 85 -13.45 -4.40 3.29
N TRP B 86 -13.72 -3.24 2.73
CA TRP B 86 -12.72 -2.20 2.57
C TRP B 86 -12.62 -1.44 3.89
N LEU B 87 -11.40 -1.33 4.44
CA LEU B 87 -11.20 -0.86 5.80
C LEU B 87 -10.48 0.49 5.79
N ILE B 88 -11.06 1.48 6.48
CA ILE B 88 -10.43 2.76 6.71
C ILE B 88 -10.04 2.81 8.19
N THR B 89 -8.76 2.98 8.47
CA THR B 89 -8.31 3.07 9.84
C THR B 89 -8.00 4.53 10.17
N LEU B 90 -8.54 5.01 11.29
CA LEU B 90 -8.32 6.38 11.69
C LEU B 90 -7.51 6.38 12.98
N ASN B 91 -6.56 7.29 13.07
CA ASN B 91 -5.88 7.50 14.34
C ASN B 91 -6.76 8.36 15.26
N LYS B 92 -6.28 8.56 16.48
CA LYS B 92 -7.06 9.29 17.45
C LYS B 92 -7.29 10.73 17.04
N GLN B 93 -6.34 11.32 16.31
CA GLN B 93 -6.51 12.70 15.87
C GLN B 93 -7.57 12.80 14.79
N GLN B 94 -7.78 11.74 14.02
CA GLN B 94 -8.76 11.80 12.94
C GLN B 94 -10.20 11.69 13.44
N ARG B 95 -10.43 11.32 14.70
CA ARG B 95 -11.80 11.44 15.20
C ARG B 95 -12.29 12.88 15.05
N ARG B 96 -11.41 13.86 15.29
CA ARG B 96 -11.81 15.25 15.13
C ARG B 96 -11.86 15.67 13.68
N SER B 97 -10.84 15.32 12.90
CA SER B 97 -10.71 15.89 11.56
C SER B 97 -11.54 15.16 10.51
N ASP B 98 -11.65 13.83 10.60
CA ASP B 98 -12.11 13.06 9.45
C ASP B 98 -13.29 12.14 9.74
N LEU B 99 -13.47 11.66 10.98
CA LEU B 99 -14.45 10.59 11.22
C LEU B 99 -15.84 10.95 10.70
N ASP B 100 -16.37 12.10 11.13
CA ASP B 100 -17.76 12.39 10.78
C ASP B 100 -17.90 12.61 9.28
N ARG B 101 -16.97 13.33 8.66
CA ARG B 101 -17.09 13.58 7.23
C ARG B 101 -16.86 12.29 6.42
N PHE B 102 -15.93 11.43 6.87
CA PHE B 102 -15.77 10.14 6.18
C PHE B 102 -17.02 9.29 6.29
N TRP B 103 -17.62 9.24 7.49
CA TRP B 103 -18.81 8.40 7.66
C TRP B 103 -19.97 8.92 6.81
N LEU B 104 -20.19 10.24 6.81
CA LEU B 104 -21.27 10.77 5.97
C LEU B 104 -21.01 10.46 4.49
N GLU B 105 -19.77 10.64 4.04
CA GLU B 105 -19.46 10.30 2.64
C GLU B 105 -19.72 8.82 2.39
N THR B 106 -19.45 7.99 3.38
CA THR B 106 -19.67 6.55 3.23
C THR B 106 -21.15 6.25 3.09
N LEU B 107 -21.96 6.87 3.97
CA LEU B 107 -23.41 6.74 3.85
C LEU B 107 -23.91 7.14 2.47
N LEU B 108 -23.40 8.28 1.97
CA LEU B 108 -23.85 8.78 0.67
C LEU B 108 -23.42 7.87 -0.48
N CYS B 109 -22.20 7.31 -0.41
CA CYS B 109 -21.78 6.33 -1.41
C CYS B 109 -22.74 5.15 -1.47
N LEU B 110 -23.24 4.71 -0.31
CA LEU B 110 -24.23 3.64 -0.26
C LEU B 110 -25.57 4.08 -0.84
N ILE B 111 -26.21 5.10 -0.25
CA ILE B 111 -27.58 5.39 -0.66
C ILE B 111 -27.63 5.93 -2.09
N GLY B 112 -26.57 6.60 -2.54
CA GLY B 112 -26.49 7.11 -3.90
C GLY B 112 -26.01 6.12 -4.95
N GLU B 113 -25.72 4.89 -4.55
CA GLU B 113 -25.34 3.81 -5.47
C GLU B 113 -24.14 4.23 -6.33
N SER B 114 -23.10 4.71 -5.66
CA SER B 114 -22.00 5.38 -6.33
C SER B 114 -20.98 4.42 -6.94
N PHE B 115 -21.20 3.11 -6.85
CA PHE B 115 -20.30 2.15 -7.49
C PHE B 115 -20.91 1.55 -8.75
N ASP B 116 -21.88 2.26 -9.34
CA ASP B 116 -22.46 1.93 -10.64
C ASP B 116 -22.80 0.45 -10.75
N ASP B 117 -22.23 -0.22 -11.76
CA ASP B 117 -22.49 -1.64 -12.01
C ASP B 117 -22.35 -2.48 -10.75
N TYR B 118 -21.39 -2.14 -9.90
CA TYR B 118 -21.03 -2.99 -8.78
C TYR B 118 -21.69 -2.58 -7.47
N SER B 119 -22.56 -1.56 -7.47
CA SER B 119 -23.22 -1.24 -6.21
C SER B 119 -24.07 -2.41 -5.70
N ASP B 120 -24.50 -3.31 -6.60
CA ASP B 120 -25.21 -4.50 -6.16
C ASP B 120 -24.37 -5.38 -5.22
N ASP B 121 -23.03 -5.33 -5.35
CA ASP B 121 -22.18 -6.11 -4.45
C ASP B 121 -22.04 -5.52 -3.05
N VAL B 122 -22.48 -4.29 -2.83
CA VAL B 122 -22.36 -3.67 -1.51
C VAL B 122 -23.44 -4.23 -0.58
N CYS B 123 -23.05 -4.59 0.64
CA CYS B 123 -24.01 -5.02 1.66
C CYS B 123 -24.33 -3.92 2.66
N GLY B 124 -23.33 -3.16 3.06
CA GLY B 124 -23.55 -2.10 4.01
C GLY B 124 -22.22 -1.50 4.43
N ALA B 125 -22.26 -0.75 5.52
CA ALA B 125 -21.07 -0.05 6.01
C ALA B 125 -21.18 0.04 7.52
N VAL B 126 -20.01 0.18 8.17
CA VAL B 126 -19.90 0.11 9.63
C VAL B 126 -18.89 1.15 10.07
N VAL B 127 -19.23 1.90 11.11
CA VAL B 127 -18.26 2.78 11.77
C VAL B 127 -18.10 2.30 13.21
N ASN B 128 -16.86 2.02 13.61
CA ASN B 128 -16.53 1.63 14.98
C ASN B 128 -15.84 2.80 15.67
N VAL B 129 -16.41 3.25 16.78
CA VAL B 129 -15.79 4.26 17.63
C VAL B 129 -15.05 3.51 18.75
N ARG B 130 -13.72 3.59 18.78
CA ARG B 130 -12.95 2.91 19.80
C ARG B 130 -11.83 3.79 20.35
N ALA B 131 -11.50 3.58 21.62
CA ALA B 131 -10.41 4.35 22.23
C ALA B 131 -9.11 4.16 21.47
N LYS B 132 -8.88 2.98 20.92
CA LYS B 132 -7.60 2.70 20.27
C LYS B 132 -7.54 3.26 18.86
N GLY B 133 -8.66 3.74 18.33
CA GLY B 133 -8.71 4.25 16.97
C GLY B 133 -9.97 3.81 16.26
N ASP B 134 -10.62 4.74 15.57
CA ASP B 134 -11.88 4.41 14.95
C ASP B 134 -11.66 3.74 13.61
N LYS B 135 -12.72 3.12 13.10
CA LYS B 135 -12.66 2.37 11.86
C LYS B 135 -13.94 2.61 11.09
N ILE B 136 -13.82 2.78 9.78
CA ILE B 136 -14.96 2.76 8.87
C ILE B 136 -14.72 1.68 7.83
N ALA B 137 -15.79 0.96 7.46
CA ALA B 137 -15.62 -0.13 6.52
C ALA B 137 -16.85 -0.24 5.64
N ILE B 138 -16.65 -0.50 4.35
CA ILE B 138 -17.75 -0.88 3.45
C ILE B 138 -17.71 -2.39 3.26
N TRP B 139 -18.81 -3.06 3.56
CA TRP B 139 -18.92 -4.50 3.42
C TRP B 139 -19.49 -4.86 2.06
N THR B 140 -18.89 -5.84 1.39
CA THR B 140 -19.35 -6.34 0.11
C THR B 140 -19.55 -7.85 0.18
N THR B 141 -20.29 -8.38 -0.80
CA THR B 141 -20.91 -9.69 -0.60
C THR B 141 -20.01 -10.86 -0.93
N GLU B 142 -18.95 -10.65 -1.72
CA GLU B 142 -18.21 -11.79 -2.27
C GLU B 142 -16.77 -11.35 -2.46
N CYS B 143 -15.87 -11.86 -1.61
CA CYS B 143 -14.47 -11.41 -1.60
C CYS B 143 -13.67 -11.91 -2.79
N GLU B 144 -14.21 -12.82 -3.59
CA GLU B 144 -13.53 -13.31 -4.79
C GLU B 144 -13.89 -12.54 -6.05
N ASN B 145 -14.84 -11.60 -5.99
CA ASN B 145 -15.25 -10.80 -7.15
C ASN B 145 -14.22 -9.69 -7.34
N ARG B 146 -13.09 -10.04 -7.97
CA ARG B 146 -11.98 -9.11 -8.06
C ARG B 146 -12.39 -7.80 -8.72
N ASP B 147 -13.15 -7.87 -9.82
CA ASP B 147 -13.49 -6.65 -10.53
C ASP B 147 -14.45 -5.78 -9.72
N ALA B 148 -15.46 -6.38 -9.10
CA ALA B 148 -16.38 -5.60 -8.29
C ALA B 148 -15.67 -4.97 -7.10
N VAL B 149 -14.88 -5.77 -6.38
CA VAL B 149 -14.24 -5.30 -5.16
C VAL B 149 -13.23 -4.20 -5.47
N THR B 150 -12.43 -4.37 -6.51
CA THR B 150 -11.43 -3.35 -6.81
C THR B 150 -12.08 -2.07 -7.32
N HIS B 151 -13.15 -2.18 -8.11
CA HIS B 151 -13.86 -0.96 -8.52
C HIS B 151 -14.44 -0.22 -7.31
N ILE B 152 -15.06 -0.94 -6.38
CA ILE B 152 -15.59 -0.29 -5.19
C ILE B 152 -14.46 0.39 -4.41
N GLY B 153 -13.32 -0.29 -4.27
CA GLY B 153 -12.23 0.29 -3.49
C GLY B 153 -11.65 1.54 -4.12
N ARG B 154 -11.50 1.54 -5.45
CA ARG B 154 -10.94 2.70 -6.14
C ARG B 154 -11.87 3.90 -6.03
N VAL B 155 -13.16 3.68 -6.28
CA VAL B 155 -14.14 4.75 -6.18
C VAL B 155 -14.21 5.26 -4.75
N TYR B 156 -14.34 4.34 -3.78
CA TYR B 156 -14.43 4.74 -2.39
C TYR B 156 -13.24 5.60 -1.98
N LYS B 157 -12.03 5.22 -2.42
CA LYS B 157 -10.83 5.94 -2.01
C LYS B 157 -10.85 7.35 -2.53
N GLU B 158 -11.28 7.54 -3.77
CA GLU B 158 -11.32 8.89 -4.34
C GLU B 158 -12.49 9.71 -3.77
N ARG B 159 -13.61 9.07 -3.43
CA ARG B 159 -14.70 9.83 -2.82
C ARG B 159 -14.33 10.33 -1.43
N LEU B 160 -13.50 9.57 -0.70
CA LEU B 160 -13.03 10.01 0.61
C LEU B 160 -11.98 11.10 0.51
N GLY B 161 -11.43 11.32 -0.67
CA GLY B 161 -10.33 12.26 -0.85
C GLY B 161 -9.00 11.77 -0.35
N LEU B 162 -8.81 10.46 -0.18
CA LEU B 162 -7.55 9.97 0.32
C LEU B 162 -6.47 10.15 -0.76
N PRO B 163 -5.26 10.51 -0.39
CA PRO B 163 -4.22 10.79 -1.38
C PRO B 163 -3.61 9.51 -1.91
N PRO B 164 -3.05 9.54 -3.12
CA PRO B 164 -2.49 8.32 -3.73
C PRO B 164 -1.23 7.78 -3.08
N LYS B 165 -0.72 8.42 -2.03
CA LYS B 165 0.40 7.89 -1.25
C LYS B 165 -0.06 6.93 -0.16
N ILE B 166 -1.36 6.89 0.08
CA ILE B 166 -2.00 5.98 1.03
C ILE B 166 -2.59 4.82 0.25
N VAL B 167 -2.55 3.62 0.82
CA VAL B 167 -3.39 2.54 0.33
C VAL B 167 -4.44 2.25 1.37
N ILE B 168 -5.53 1.63 0.92
CA ILE B 168 -6.50 1.02 1.79
C ILE B 168 -6.57 -0.45 1.42
N GLY B 169 -6.98 -1.28 2.37
CA GLY B 169 -6.98 -2.72 2.17
C GLY B 169 -8.34 -3.35 2.31
N TYR B 170 -8.50 -4.51 1.66
CA TYR B 170 -9.72 -5.30 1.68
C TYR B 170 -9.43 -6.66 2.30
N GLN B 171 -10.11 -6.98 3.40
CA GLN B 171 -9.97 -8.27 4.06
C GLN B 171 -11.25 -9.08 3.91
N SER B 172 -11.08 -10.38 3.73
CA SER B 172 -12.21 -11.28 3.74
C SER B 172 -12.74 -11.46 5.15
N HIS B 173 -14.06 -11.61 5.28
CA HIS B 173 -14.67 -11.88 6.58
C HIS B 173 -14.21 -13.22 7.15
N ALA B 174 -14.17 -14.25 6.33
CA ALA B 174 -13.77 -15.56 6.83
C ALA B 174 -12.34 -15.57 7.36
N ASP B 175 -11.50 -14.63 6.90
CA ASP B 175 -10.16 -14.51 7.45
C ASP B 175 -10.17 -13.80 8.80
N THR B 176 -10.88 -12.66 8.87
CA THR B 176 -10.95 -11.89 10.10
C THR B 176 -11.46 -12.73 11.27
N ALA B 177 -12.28 -13.75 10.99
CA ALA B 177 -12.87 -14.55 12.05
C ALA B 177 -11.84 -15.51 12.65
N THR B 184 -5.84 -10.69 9.71
CA THR B 184 -4.96 -9.57 9.42
C THR B 184 -4.12 -9.85 8.17
N LYS B 185 -4.75 -9.67 7.01
CA LYS B 185 -4.08 -9.81 5.71
C LYS B 185 -5.00 -9.32 4.61
N ASN B 186 -4.50 -8.48 3.72
CA ASN B 186 -5.32 -7.89 2.66
C ASN B 186 -5.41 -8.84 1.47
N ARG B 187 -6.61 -9.01 0.94
CA ARG B 187 -6.75 -9.69 -0.34
C ARG B 187 -6.53 -8.74 -1.51
N PHE B 188 -6.84 -7.45 -1.34
CA PHE B 188 -6.56 -6.43 -2.34
C PHE B 188 -6.15 -5.14 -1.65
N VAL B 189 -5.38 -4.33 -2.35
CA VAL B 189 -5.04 -2.99 -1.88
C VAL B 189 -5.21 -2.02 -3.02
N VAL B 190 -5.63 -0.81 -2.67
CA VAL B 190 -5.77 0.26 -3.64
C VAL B 190 -5.48 1.60 -2.97
N VAL C 1 -35.94 -2.71 18.39
CA VAL C 1 -35.38 -1.39 18.13
C VAL C 1 -34.42 -0.97 19.25
N ALA C 2 -33.63 0.06 18.98
CA ALA C 2 -32.57 0.51 19.89
C ALA C 2 -33.09 1.49 20.91
N ASN C 3 -32.30 1.67 21.99
CA ASN C 3 -32.67 2.59 23.05
C ASN C 3 -32.34 4.02 22.65
N PRO C 4 -33.33 4.91 22.55
CA PRO C 4 -33.07 6.31 22.16
C PRO C 4 -31.95 7.03 22.91
N GLU C 5 -31.78 6.79 24.22
CA GLU C 5 -30.87 7.59 25.01
C GLU C 5 -29.43 7.52 24.52
N HIS C 6 -29.05 6.45 23.82
CA HIS C 6 -27.65 6.26 23.48
C HIS C 6 -27.24 7.04 22.23
N TYR C 7 -28.13 7.23 21.27
CA TYR C 7 -27.72 7.73 19.96
C TYR C 7 -28.51 8.93 19.45
N ILE C 8 -29.57 9.39 20.15
CA ILE C 8 -30.33 10.53 19.67
C ILE C 8 -29.78 11.81 20.28
N LYS C 9 -29.71 12.87 19.46
CA LYS C 9 -29.43 14.20 19.97
C LYS C 9 -30.60 14.69 20.81
N HIS C 10 -30.30 15.54 21.78
CA HIS C 10 -31.31 15.97 22.74
C HIS C 10 -32.02 17.19 22.17
N PRO C 11 -33.30 17.10 21.82
CA PRO C 11 -33.96 18.21 21.13
C PRO C 11 -34.20 19.38 22.06
N LEU C 12 -34.22 20.58 21.48
CA LEU C 12 -34.62 21.78 22.20
C LEU C 12 -36.08 22.06 21.92
N GLN C 13 -36.73 22.76 22.84
CA GLN C 13 -38.12 23.13 22.64
C GLN C 13 -38.29 23.96 21.36
N ASN C 14 -37.34 24.84 21.08
CA ASN C 14 -37.41 25.70 19.89
C ASN C 14 -36.18 25.52 19.01
N ARG C 15 -36.37 25.76 17.72
CA ARG C 15 -35.25 26.01 16.83
C ARG C 15 -34.85 27.48 16.94
N TRP C 16 -33.56 27.71 17.08
CA TRP C 16 -32.97 29.03 17.29
C TRP C 16 -32.05 29.38 16.14
N ALA C 17 -31.90 30.67 15.88
CA ALA C 17 -31.00 31.18 14.85
C ALA C 17 -30.02 32.13 15.50
N LEU C 18 -28.73 31.95 15.20
CA LEU C 18 -27.68 32.83 15.70
C LEU C 18 -27.26 33.79 14.60
N TRP C 19 -27.31 35.08 14.90
CA TRP C 19 -27.02 36.12 13.94
C TRP C 19 -25.77 36.87 14.38
N PHE C 20 -25.11 37.51 13.41
CA PHE C 20 -23.95 38.35 13.66
C PHE C 20 -24.16 39.66 12.90
N PHE C 21 -23.75 40.76 13.51
CA PHE C 21 -23.86 42.07 12.90
C PHE C 21 -22.53 42.78 13.05
N LYS C 22 -22.01 43.31 11.94
CA LYS C 22 -20.80 44.12 11.94
C LYS C 22 -21.14 45.55 11.61
N ASN C 23 -20.67 46.49 12.41
CA ASN C 23 -20.87 47.89 12.07
C ASN C 23 -19.90 48.28 10.97
N ASP C 24 -20.45 48.64 9.81
CA ASP C 24 -19.66 49.05 8.65
C ASP C 24 -20.49 50.09 7.89
N LYS C 25 -20.29 51.36 8.24
CA LYS C 25 -21.12 52.43 7.71
C LYS C 25 -20.90 52.54 6.22
N SER C 26 -19.87 51.88 5.74
CA SER C 26 -19.62 51.70 4.32
C SER C 26 -20.66 50.90 3.60
N LYS C 27 -21.34 49.97 4.28
CA LYS C 27 -22.45 49.24 3.65
C LYS C 27 -23.74 49.53 4.38
N THR C 28 -24.86 49.04 3.87
CA THR C 28 -26.17 49.48 4.33
C THR C 28 -26.30 48.75 5.66
N TRP C 29 -27.47 48.82 6.29
CA TRP C 29 -27.71 48.05 7.49
C TRP C 29 -27.94 46.61 7.46
N GLN C 30 -28.87 46.26 6.63
CA GLN C 30 -29.15 44.88 6.41
C GLN C 30 -27.95 44.25 5.76
N ALA C 31 -27.15 45.03 5.07
CA ALA C 31 -26.02 44.45 4.39
C ALA C 31 -25.07 43.81 5.40
N ASN C 32 -25.07 44.37 6.59
CA ASN C 32 -24.10 44.10 7.63
C ASN C 32 -24.52 42.99 8.60
N LEU C 33 -25.80 42.61 8.59
CA LEU C 33 -26.35 41.65 9.54
C LEU C 33 -26.51 40.30 8.84
N ARG C 34 -25.79 39.28 9.33
CA ARG C 34 -25.69 37.98 8.67
C ARG C 34 -26.14 36.84 9.57
N LEU C 35 -26.84 35.87 8.98
CA LEU C 35 -27.23 34.68 9.71
C LEU C 35 -26.06 33.70 9.76
N ILE C 36 -25.71 33.26 10.97
CA ILE C 36 -24.61 32.32 11.13
C ILE C 36 -25.09 30.88 10.89
N SER C 37 -25.99 30.40 11.73
CA SER C 37 -26.65 29.12 11.47
C SER C 37 -27.85 28.97 12.40
N LYS C 38 -28.59 27.89 12.20
CA LYS C 38 -29.71 27.53 13.05
C LYS C 38 -29.42 26.20 13.71
N PHE C 39 -30.10 25.94 14.83
CA PHE C 39 -29.89 24.68 15.54
C PHE C 39 -31.13 24.41 16.36
N ASP C 40 -31.37 23.13 16.63
CA ASP C 40 -32.49 22.78 17.50
C ASP C 40 -32.19 21.59 18.41
N THR C 41 -30.93 21.31 18.70
CA THR C 41 -30.51 20.31 19.67
C THR C 41 -29.43 20.90 20.57
N VAL C 42 -29.24 20.26 21.72
CA VAL C 42 -28.20 20.68 22.65
C VAL C 42 -26.81 20.48 22.05
N GLU C 43 -26.59 19.33 21.39
CA GLU C 43 -25.30 19.03 20.79
C GLU C 43 -24.95 20.02 19.69
N ASP C 44 -25.92 20.38 18.85
CA ASP C 44 -25.67 21.37 17.81
C ASP C 44 -25.45 22.75 18.40
N PHE C 45 -26.12 23.07 19.51
CA PHE C 45 -25.82 24.34 20.17
C PHE C 45 -24.36 24.40 20.56
N TRP C 46 -23.86 23.35 21.24
CA TRP C 46 -22.47 23.41 21.73
C TRP C 46 -21.47 23.37 20.59
N ALA C 47 -21.79 22.67 19.51
CA ALA C 47 -20.90 22.66 18.35
C ALA C 47 -20.77 24.06 17.76
N LEU C 48 -21.88 24.81 17.69
CA LEU C 48 -21.82 26.18 17.18
C LEU C 48 -21.09 27.10 18.15
N TYR C 49 -21.45 27.05 19.43
CA TYR C 49 -20.82 27.90 20.43
C TYR C 49 -19.32 27.68 20.50
N ASN C 50 -18.88 26.41 20.44
CA ASN C 50 -17.45 26.13 20.59
C ASN C 50 -16.66 26.53 19.36
N HIS C 51 -17.35 26.82 18.28
CA HIS C 51 -16.79 27.18 16.98
C HIS C 51 -16.57 28.69 16.82
N ILE C 52 -17.30 29.51 17.56
CA ILE C 52 -17.31 30.95 17.28
C ILE C 52 -16.62 31.71 18.39
N GLN C 53 -16.25 32.96 18.07
CA GLN C 53 -15.56 33.84 18.99
C GLN C 53 -16.39 34.14 20.24
N LEU C 54 -15.71 34.19 21.39
CA LEU C 54 -16.29 34.81 22.56
C LEU C 54 -16.64 36.26 22.25
N SER C 55 -17.72 36.74 22.88
CA SER C 55 -18.15 38.13 22.66
C SER C 55 -17.05 39.11 23.05
N SER C 56 -16.29 38.80 24.10
CA SER C 56 -15.25 39.70 24.57
C SER C 56 -14.10 39.83 23.58
N ASN C 57 -14.01 38.94 22.59
CA ASN C 57 -13.00 39.07 21.55
C ASN C 57 -13.55 39.66 20.26
N LEU C 58 -14.81 40.07 20.24
CA LEU C 58 -15.34 40.72 19.06
C LEU C 58 -14.83 42.14 18.97
N MET C 59 -14.76 42.66 17.75
CA MET C 59 -14.38 44.05 17.58
C MET C 59 -15.54 44.94 18.05
N PRO C 60 -15.24 46.11 18.62
CA PRO C 60 -16.31 47.04 18.99
C PRO C 60 -17.23 47.35 17.80
N GLY C 61 -18.52 47.45 18.08
CA GLY C 61 -19.52 47.64 17.06
C GLY C 61 -20.21 46.36 16.60
N CYS C 62 -19.67 45.19 16.92
CA CYS C 62 -20.27 43.94 16.49
C CYS C 62 -21.32 43.47 17.50
N ASP C 63 -22.25 42.66 17.00
CA ASP C 63 -23.27 42.06 17.84
C ASP C 63 -23.43 40.59 17.48
N TYR C 64 -23.75 39.78 18.48
CA TYR C 64 -24.42 38.50 18.28
C TYR C 64 -25.87 38.66 18.69
N SER C 65 -26.77 37.90 18.05
CA SER C 65 -28.11 37.81 18.61
C SER C 65 -28.62 36.41 18.33
N LEU C 66 -29.35 35.85 19.29
CA LEU C 66 -29.99 34.55 19.14
C LEU C 66 -31.49 34.77 19.22
N PHE C 67 -32.20 34.37 18.18
CA PHE C 67 -33.63 34.59 18.12
C PHE C 67 -34.31 33.32 17.66
N LYS C 68 -35.53 33.10 18.17
CA LYS C 68 -36.32 31.97 17.72
C LYS C 68 -36.48 32.00 16.22
N ASP C 69 -36.43 30.81 15.60
CA ASP C 69 -36.59 30.69 14.16
C ASP C 69 -37.84 31.42 13.68
N GLY C 70 -37.65 32.30 12.69
CA GLY C 70 -38.75 33.07 12.12
C GLY C 70 -38.95 34.45 12.73
N ILE C 71 -38.20 34.81 13.75
CA ILE C 71 -38.21 36.16 14.31
C ILE C 71 -36.89 36.81 13.89
N GLU C 72 -36.97 37.83 13.05
CA GLU C 72 -35.79 38.54 12.70
C GLU C 72 -35.34 39.42 13.84
N PRO C 73 -34.04 39.65 13.93
CA PRO C 73 -33.52 40.40 15.05
C PRO C 73 -33.63 41.90 14.80
N MET C 74 -34.83 42.40 14.62
CA MET C 74 -35.08 43.82 14.47
C MET C 74 -36.40 44.22 15.11
N TRP C 75 -36.50 45.46 15.54
CA TRP C 75 -37.64 45.93 16.32
C TRP C 75 -38.90 45.73 15.50
N GLU C 76 -38.78 45.95 14.21
CA GLU C 76 -39.86 45.97 13.26
C GLU C 76 -40.60 44.65 13.09
N ASP C 77 -40.00 43.54 13.48
CA ASP C 77 -40.62 42.24 13.29
C ASP C 77 -41.94 42.19 14.03
N GLU C 78 -42.91 41.53 13.42
CA GLU C 78 -44.25 41.40 13.98
C GLU C 78 -44.22 40.90 15.42
N LYS C 79 -43.27 40.01 15.75
CA LYS C 79 -43.17 39.50 17.11
C LYS C 79 -42.37 40.39 18.05
N ASN C 80 -41.69 41.42 17.54
CA ASN C 80 -40.95 42.35 18.40
C ASN C 80 -41.56 43.74 18.51
N LYS C 81 -42.42 44.15 17.56
CA LYS C 81 -42.80 45.56 17.46
C LYS C 81 -43.55 46.03 18.70
N ARG C 82 -44.36 45.18 19.33
CA ARG C 82 -45.04 45.54 20.56
C ARG C 82 -44.28 45.10 21.81
N GLY C 83 -43.04 44.63 21.64
CA GLY C 83 -42.29 44.08 22.74
C GLY C 83 -41.36 45.08 23.39
N GLY C 84 -40.40 44.55 24.14
CA GLY C 84 -39.41 45.33 24.83
C GLY C 84 -38.20 44.46 25.14
N ARG C 85 -37.41 44.88 26.13
CA ARG C 85 -36.22 44.11 26.45
C ARG C 85 -35.79 44.39 27.88
N TRP C 86 -35.32 43.34 28.57
CA TRP C 86 -34.58 43.51 29.81
C TRP C 86 -33.13 43.78 29.46
N LEU C 87 -32.58 44.89 29.97
CA LEU C 87 -31.27 45.38 29.53
C LEU C 87 -30.24 45.31 30.67
N ILE C 88 -29.12 44.66 30.39
CA ILE C 88 -27.95 44.64 31.27
C ILE C 88 -26.89 45.54 30.62
N THR C 89 -26.45 46.55 31.34
CA THR C 89 -25.36 47.40 30.86
C THR C 89 -24.09 47.06 31.60
N LEU C 90 -23.00 46.89 30.86
CA LEU C 90 -21.71 46.52 31.42
C LEU C 90 -20.73 47.66 31.23
N ASN C 91 -19.96 47.97 32.27
CA ASN C 91 -18.88 48.92 32.09
C ASN C 91 -17.69 48.22 31.44
N LYS C 92 -16.66 49.01 31.12
CA LYS C 92 -15.55 48.50 30.33
C LYS C 92 -14.80 47.38 31.04
N GLN C 93 -14.73 47.45 32.37
CA GLN C 93 -14.03 46.40 33.10
C GLN C 93 -14.82 45.09 33.09
N GLN C 94 -16.16 45.17 33.08
CA GLN C 94 -16.98 43.97 33.06
C GLN C 94 -16.86 43.19 31.75
N ARG C 95 -16.39 43.82 30.67
CA ARG C 95 -16.04 43.05 29.48
C ARG C 95 -15.14 41.88 29.85
N ARG C 96 -14.16 42.12 30.71
CA ARG C 96 -13.22 41.08 31.09
C ARG C 96 -13.85 40.07 32.05
N SER C 97 -14.59 40.56 33.05
CA SER C 97 -15.04 39.67 34.13
C SER C 97 -16.41 39.05 33.89
N ASP C 98 -17.33 39.73 33.18
CA ASP C 98 -18.71 39.24 33.17
C ASP C 98 -19.31 38.97 31.80
N LEU C 99 -18.81 39.64 30.76
CA LEU C 99 -19.50 39.65 29.47
C LEU C 99 -19.74 38.23 28.96
N ASP C 100 -18.69 37.40 28.92
CA ASP C 100 -18.86 36.07 28.32
C ASP C 100 -19.71 35.15 29.20
N ARG C 101 -19.50 35.18 30.52
CA ARG C 101 -20.32 34.35 31.39
C ARG C 101 -21.77 34.79 31.32
N PHE C 102 -22.03 36.10 31.40
CA PHE C 102 -23.39 36.61 31.29
C PHE C 102 -24.04 36.17 29.99
N TRP C 103 -23.31 36.28 28.87
CA TRP C 103 -23.89 35.95 27.57
C TRP C 103 -24.21 34.46 27.48
N LEU C 104 -23.29 33.60 27.91
CA LEU C 104 -23.57 32.16 27.84
C LEU C 104 -24.78 31.81 28.69
N GLU C 105 -24.87 32.39 29.88
CA GLU C 105 -26.02 32.11 30.74
C GLU C 105 -27.31 32.59 30.08
N THR C 106 -27.25 33.74 29.40
CA THR C 106 -28.41 34.24 28.65
C THR C 106 -28.82 33.24 27.57
N LEU C 107 -27.84 32.76 26.78
CA LEU C 107 -28.13 31.76 25.77
C LEU C 107 -28.78 30.52 26.38
N LEU C 108 -28.25 30.06 27.53
CA LEU C 108 -28.79 28.85 28.14
C LEU C 108 -30.20 29.08 28.70
N CYS C 109 -30.45 30.28 29.21
CA CYS C 109 -31.81 30.65 29.64
C CYS C 109 -32.77 30.58 28.46
N LEU C 110 -32.33 31.05 27.29
CA LEU C 110 -33.18 30.97 26.10
C LEU C 110 -33.44 29.53 25.70
N ILE C 111 -32.38 28.79 25.34
CA ILE C 111 -32.59 27.47 24.75
C ILE C 111 -33.09 26.46 25.78
N GLY C 112 -32.84 26.70 27.06
CA GLY C 112 -33.34 25.87 28.16
C GLY C 112 -34.76 26.17 28.62
N GLU C 113 -35.41 27.19 28.08
CA GLU C 113 -36.78 27.57 28.42
C GLU C 113 -36.93 27.80 29.93
N SER C 114 -35.97 28.53 30.49
CA SER C 114 -35.79 28.69 31.93
C SER C 114 -36.86 29.55 32.59
N PHE C 115 -37.82 30.10 31.85
CA PHE C 115 -38.80 30.99 32.45
C PHE C 115 -40.17 30.33 32.58
N ASP C 116 -40.21 29.01 32.50
CA ASP C 116 -41.43 28.23 32.79
C ASP C 116 -42.51 28.65 31.79
N ASP C 117 -43.77 28.85 32.23
CA ASP C 117 -44.87 29.11 31.31
C ASP C 117 -44.61 30.33 30.45
N TYR C 118 -43.85 31.30 30.96
CA TYR C 118 -43.65 32.56 30.28
C TYR C 118 -42.53 32.52 29.26
N SER C 119 -41.87 31.37 29.08
CA SER C 119 -40.81 31.32 28.06
C SER C 119 -41.37 31.55 26.67
N ASP C 120 -42.66 31.25 26.47
CA ASP C 120 -43.36 31.59 25.24
C ASP C 120 -43.22 33.06 24.87
N ASP C 121 -43.06 33.95 25.87
CA ASP C 121 -42.96 35.38 25.61
C ASP C 121 -41.57 35.81 25.17
N VAL C 122 -40.56 34.96 25.29
CA VAL C 122 -39.19 35.33 24.93
C VAL C 122 -39.05 35.28 23.41
N CYS C 123 -38.49 36.34 22.84
CA CYS C 123 -38.18 36.35 21.41
C CYS C 123 -36.72 36.01 21.12
N GLY C 124 -35.80 36.53 21.93
CA GLY C 124 -34.39 36.32 21.66
C GLY C 124 -33.55 37.19 22.58
N ALA C 125 -32.26 37.22 22.26
CA ALA C 125 -31.32 37.97 23.07
C ALA C 125 -30.25 38.55 22.16
N VAL C 126 -29.59 39.61 22.65
CA VAL C 126 -28.67 40.39 21.85
C VAL C 126 -27.53 40.80 22.76
N VAL C 127 -26.29 40.57 22.35
CA VAL C 127 -25.14 41.17 23.01
C VAL C 127 -24.52 42.22 22.09
N ASN C 128 -24.28 43.41 22.63
CA ASN C 128 -23.69 44.53 21.90
C ASN C 128 -22.28 44.78 22.45
N VAL C 129 -21.28 44.68 21.59
CA VAL C 129 -19.90 44.96 21.97
C VAL C 129 -19.59 46.38 21.52
N ARG C 130 -19.31 47.27 22.48
CA ARG C 130 -19.20 48.69 22.20
C ARG C 130 -18.07 49.28 23.01
N ALA C 131 -17.36 50.23 22.41
CA ALA C 131 -16.24 50.85 23.11
C ALA C 131 -16.72 51.61 24.34
N LYS C 132 -17.97 52.09 24.34
CA LYS C 132 -18.49 52.86 25.46
C LYS C 132 -19.08 52.00 26.57
N GLY C 133 -19.19 50.69 26.36
CA GLY C 133 -19.78 49.81 27.36
C GLY C 133 -20.65 48.78 26.68
N ASP C 134 -20.52 47.52 27.06
CA ASP C 134 -21.24 46.45 26.39
C ASP C 134 -22.64 46.30 26.97
N LYS C 135 -23.51 45.61 26.22
CA LYS C 135 -24.90 45.46 26.61
C LYS C 135 -25.37 44.05 26.29
N ILE C 136 -26.14 43.47 27.21
CA ILE C 136 -26.84 42.21 26.96
C ILE C 136 -28.32 42.40 27.30
N ALA C 137 -29.20 41.88 26.42
CA ALA C 137 -30.62 42.10 26.60
C ALA C 137 -31.40 40.89 26.15
N ILE C 138 -32.46 40.57 26.89
CA ILE C 138 -33.46 39.60 26.47
C ILE C 138 -34.65 40.35 25.90
N TRP C 139 -35.03 40.02 24.68
CA TRP C 139 -36.18 40.62 24.00
C TRP C 139 -37.42 39.77 24.25
N THR C 140 -38.50 40.43 24.64
CA THR C 140 -39.79 39.77 24.80
C THR C 140 -40.82 40.39 23.87
N THR C 141 -41.90 39.65 23.62
CA THR C 141 -42.81 39.93 22.51
C THR C 141 -43.83 41.01 22.80
N GLU C 142 -44.12 41.31 24.07
CA GLU C 142 -45.28 42.15 24.38
C GLU C 142 -44.98 42.91 25.67
N CYS C 143 -44.77 44.22 25.57
CA CYS C 143 -44.31 45.01 26.71
C CYS C 143 -45.39 45.23 27.76
N GLU C 144 -46.65 44.91 27.46
CA GLU C 144 -47.74 45.13 28.40
C GLU C 144 -48.12 43.88 29.18
N ASN C 145 -47.60 42.71 28.80
CA ASN C 145 -47.85 41.47 29.54
C ASN C 145 -47.00 41.51 30.81
N ARG C 146 -47.53 42.21 31.82
CA ARG C 146 -46.75 42.49 33.03
C ARG C 146 -46.30 41.21 33.73
N ASP C 147 -47.19 40.24 33.87
CA ASP C 147 -46.84 39.01 34.59
C ASP C 147 -45.66 38.30 33.92
N ALA C 148 -45.70 38.14 32.61
CA ALA C 148 -44.60 37.50 31.89
C ALA C 148 -43.32 38.32 31.99
N VAL C 149 -43.43 39.64 31.81
CA VAL C 149 -42.23 40.47 31.77
C VAL C 149 -41.54 40.48 33.13
N THR C 150 -42.31 40.62 34.21
CA THR C 150 -41.68 40.69 35.52
C THR C 150 -41.13 39.34 35.95
N HIS C 151 -41.84 38.25 35.65
CA HIS C 151 -41.32 36.93 35.97
C HIS C 151 -40.02 36.67 35.22
N ILE C 152 -39.99 36.97 33.93
CA ILE C 152 -38.77 36.79 33.16
C ILE C 152 -37.64 37.57 33.78
N GLY C 153 -37.93 38.81 34.20
CA GLY C 153 -36.87 39.66 34.73
C GLY C 153 -36.30 39.18 36.04
N ARG C 154 -37.16 38.68 36.93
CA ARG C 154 -36.68 38.16 38.21
C ARG C 154 -35.84 36.90 38.02
N VAL C 155 -36.28 35.99 37.15
CA VAL C 155 -35.51 34.78 36.88
C VAL C 155 -34.17 35.14 36.25
N TYR C 156 -34.19 36.00 35.23
CA TYR C 156 -32.96 36.38 34.54
C TYR C 156 -31.93 36.92 35.52
N LYS C 157 -32.34 37.86 36.38
CA LYS C 157 -31.40 38.45 37.33
C LYS C 157 -30.82 37.42 38.28
N GLU C 158 -31.63 36.45 38.71
CA GLU C 158 -31.14 35.43 39.62
C GLU C 158 -30.14 34.50 38.93
N ARG C 159 -30.45 34.07 37.71
CA ARG C 159 -29.54 33.21 36.97
C ARG C 159 -28.19 33.87 36.75
N LEU C 160 -28.20 35.19 36.50
CA LEU C 160 -26.94 35.92 36.35
C LEU C 160 -26.21 36.09 37.68
N GLY C 161 -26.91 35.89 38.80
CA GLY C 161 -26.29 36.08 40.10
C GLY C 161 -26.08 37.53 40.48
N LEU C 162 -26.81 38.45 39.85
CA LEU C 162 -26.66 39.86 40.18
C LEU C 162 -27.07 40.10 41.62
N PRO C 163 -26.29 40.86 42.39
CA PRO C 163 -26.66 41.14 43.79
C PRO C 163 -27.94 41.94 43.87
N PRO C 164 -28.62 41.94 45.01
CA PRO C 164 -29.81 42.80 45.14
C PRO C 164 -29.51 44.26 44.87
N LYS C 165 -28.29 44.71 45.19
CA LYS C 165 -27.93 46.11 44.98
C LYS C 165 -28.14 46.53 43.53
N ILE C 166 -27.61 45.73 42.59
CA ILE C 166 -27.81 46.04 41.19
C ILE C 166 -29.30 45.92 40.84
N VAL C 167 -29.80 46.89 40.09
CA VAL C 167 -31.15 46.86 39.55
C VAL C 167 -31.04 46.92 38.04
N ILE C 168 -31.91 46.16 37.36
CA ILE C 168 -31.95 46.12 35.90
C ILE C 168 -33.32 46.61 35.45
N GLY C 169 -33.37 47.12 34.22
CA GLY C 169 -34.59 47.73 33.74
C GLY C 169 -35.11 47.16 32.45
N TYR C 170 -36.42 47.29 32.22
CA TYR C 170 -37.09 46.82 31.02
C TYR C 170 -37.70 48.03 30.30
N GLN C 171 -37.38 48.18 29.02
CA GLN C 171 -37.90 49.27 28.22
C GLN C 171 -38.61 48.72 26.99
N SER C 172 -39.69 49.37 26.60
CA SER C 172 -40.36 48.98 25.38
C SER C 172 -39.52 49.39 24.18
N HIS C 173 -39.56 48.58 23.12
CA HIS C 173 -38.92 48.97 21.88
C HIS C 173 -39.50 50.28 21.35
N ALA C 174 -40.77 50.57 21.66
CA ALA C 174 -41.36 51.84 21.25
C ALA C 174 -40.72 53.02 21.97
N ASP C 175 -40.47 52.88 23.27
CA ASP C 175 -39.84 53.96 24.02
C ASP C 175 -38.35 54.09 23.70
N THR C 176 -37.69 52.97 23.35
CA THR C 176 -36.28 53.04 22.99
C THR C 176 -36.07 53.82 21.70
N ALA C 177 -36.91 53.57 20.69
CA ALA C 177 -36.80 54.23 19.40
C ALA C 177 -37.40 55.63 19.40
N THR C 178 -37.68 56.21 20.55
CA THR C 178 -38.22 57.57 20.64
C THR C 178 -37.23 58.51 21.31
N LYS C 185 -36.10 55.67 30.42
CA LYS C 185 -37.44 55.34 29.96
C LYS C 185 -37.79 53.90 30.32
N ASN C 186 -37.62 53.55 31.59
CA ASN C 186 -37.91 52.21 32.05
C ASN C 186 -39.39 52.02 32.32
N ARG C 187 -39.84 50.77 32.22
CA ARG C 187 -41.19 50.38 32.59
C ARG C 187 -41.23 49.46 33.80
N PHE C 188 -40.28 48.54 33.90
CA PHE C 188 -40.14 47.69 35.07
C PHE C 188 -38.68 47.68 35.51
N VAL C 189 -38.47 47.31 36.78
CA VAL C 189 -37.13 47.12 37.31
C VAL C 189 -37.17 45.93 38.25
N VAL C 190 -36.06 45.21 38.34
CA VAL C 190 -35.94 44.11 39.30
C VAL C 190 -34.68 44.26 40.12
N ALA D 2 33.22 0.15 -20.13
CA ALA D 2 33.31 -0.53 -18.85
C ALA D 2 34.54 -1.42 -18.76
N ASN D 3 35.00 -1.67 -17.54
CA ASN D 3 36.11 -2.59 -17.30
C ASN D 3 35.58 -4.02 -17.29
N PRO D 4 35.95 -4.83 -18.29
CA PRO D 4 35.43 -6.21 -18.37
C PRO D 4 35.56 -7.02 -17.08
N GLU D 5 36.52 -6.68 -16.23
CA GLU D 5 36.81 -7.53 -15.07
C GLU D 5 35.59 -7.71 -14.17
N HIS D 6 34.90 -6.63 -13.82
CA HIS D 6 33.94 -6.70 -12.73
C HIS D 6 32.59 -7.30 -13.13
N TYR D 7 32.22 -7.32 -14.40
CA TYR D 7 30.88 -7.78 -14.76
C TYR D 7 30.85 -8.99 -15.70
N ILE D 8 31.95 -9.38 -16.30
CA ILE D 8 31.89 -10.45 -17.28
C ILE D 8 32.15 -11.78 -16.58
N LYS D 9 31.37 -12.81 -16.94
CA LYS D 9 31.69 -14.15 -16.47
C LYS D 9 32.99 -14.64 -17.10
N HIS D 10 33.70 -15.50 -16.39
CA HIS D 10 35.01 -15.97 -16.83
C HIS D 10 34.80 -17.19 -17.72
N PRO D 11 35.04 -17.08 -19.02
CA PRO D 11 34.72 -18.18 -19.94
C PRO D 11 35.66 -19.36 -19.76
N LEU D 12 35.11 -20.55 -19.98
CA LEU D 12 35.91 -21.77 -20.09
C LEU D 12 36.35 -22.00 -21.53
N GLN D 13 37.46 -22.72 -21.68
CA GLN D 13 37.92 -23.08 -23.02
C GLN D 13 36.86 -23.86 -23.78
N ASN D 14 36.12 -24.72 -23.08
CA ASN D 14 35.12 -25.58 -23.70
C ASN D 14 33.79 -25.42 -23.00
N ARG D 15 32.71 -25.70 -23.72
CA ARG D 15 31.40 -25.92 -23.12
C ARG D 15 31.29 -27.39 -22.71
N TRP D 16 30.77 -27.63 -21.51
CA TRP D 16 30.68 -28.95 -20.95
C TRP D 16 29.23 -29.33 -20.68
N ALA D 17 28.96 -30.64 -20.68
CA ALA D 17 27.66 -31.18 -20.38
C ALA D 17 27.77 -32.13 -19.20
N LEU D 18 26.92 -31.94 -18.19
CA LEU D 18 26.88 -32.84 -17.04
C LEU D 18 25.71 -33.81 -17.19
N TRP D 19 26.00 -35.10 -17.12
CA TRP D 19 25.03 -36.16 -17.29
C TRP D 19 24.83 -36.91 -15.98
N PHE D 20 23.62 -37.44 -15.80
CA PHE D 20 23.30 -38.32 -14.68
C PHE D 20 22.76 -39.63 -15.22
N PHE D 21 23.12 -40.73 -14.58
CA PHE D 21 22.58 -42.03 -14.95
C PHE D 21 22.20 -42.77 -13.69
N LYS D 22 21.10 -43.52 -13.76
CA LYS D 22 20.67 -44.40 -12.67
C LYS D 22 20.40 -45.79 -13.24
N ASN D 23 21.16 -46.78 -12.78
CA ASN D 23 20.89 -48.17 -13.17
C ASN D 23 19.51 -48.58 -12.66
N ASP D 24 18.53 -48.63 -13.55
CA ASP D 24 17.13 -48.89 -13.18
C ASP D 24 16.57 -49.88 -14.20
N LYS D 25 16.51 -51.14 -13.82
CA LYS D 25 16.12 -52.24 -14.69
C LYS D 25 14.69 -52.13 -15.16
N SER D 26 13.87 -51.36 -14.47
CA SER D 26 12.50 -51.20 -14.87
C SER D 26 12.50 -50.58 -16.24
N LYS D 27 13.45 -49.69 -16.52
CA LYS D 27 13.56 -49.08 -17.84
C LYS D 27 14.96 -49.29 -18.41
N THR D 28 15.16 -49.72 -19.62
CA THR D 28 16.57 -49.90 -19.89
C THR D 28 17.05 -48.92 -20.88
N TRP D 29 18.10 -49.36 -21.56
CA TRP D 29 18.79 -48.57 -22.53
C TRP D 29 19.01 -47.19 -21.89
N GLN D 30 18.64 -46.14 -22.58
CA GLN D 30 19.06 -44.80 -22.20
C GLN D 30 17.94 -44.09 -21.54
N ALA D 31 16.96 -44.82 -21.09
CA ALA D 31 15.80 -44.22 -20.52
C ALA D 31 16.31 -43.53 -19.26
N ASN D 32 17.53 -43.88 -18.92
CA ASN D 32 18.07 -43.66 -17.58
C ASN D 32 19.11 -42.54 -17.55
N LEU D 33 19.82 -42.37 -18.66
CA LEU D 33 20.84 -41.34 -18.77
C LEU D 33 20.19 -40.02 -19.16
N ARG D 34 20.32 -39.01 -18.30
CA ARG D 34 19.67 -37.71 -18.44
C ARG D 34 20.71 -36.58 -18.39
N LEU D 35 20.55 -35.60 -19.27
CA LEU D 35 21.44 -34.45 -19.30
C LEU D 35 20.93 -33.42 -18.30
N ILE D 36 21.76 -33.09 -17.31
CA ILE D 36 21.37 -32.18 -16.25
C ILE D 36 21.47 -30.73 -16.72
N SER D 37 22.63 -30.35 -17.26
CA SER D 37 22.88 -28.96 -17.59
C SER D 37 24.13 -28.89 -18.45
N LYS D 38 24.23 -27.82 -19.23
CA LYS D 38 25.45 -27.40 -19.92
C LYS D 38 25.91 -26.07 -19.33
N PHE D 39 27.22 -25.84 -19.41
CA PHE D 39 27.80 -24.61 -18.87
C PHE D 39 29.10 -24.36 -19.63
N ASP D 40 29.50 -23.08 -19.69
CA ASP D 40 30.77 -22.75 -20.32
C ASP D 40 31.46 -21.59 -19.63
N THR D 41 31.16 -21.32 -18.35
CA THR D 41 31.87 -20.34 -17.55
C THR D 41 32.16 -20.93 -16.19
N VAL D 42 33.11 -20.31 -15.49
CA VAL D 42 33.45 -20.76 -14.14
C VAL D 42 32.29 -20.54 -13.20
N GLU D 43 31.65 -19.36 -13.27
CA GLU D 43 30.54 -19.04 -12.39
C GLU D 43 29.39 -20.02 -12.59
N ASP D 44 29.10 -20.38 -13.84
CA ASP D 44 28.02 -21.33 -14.09
C ASP D 44 28.40 -22.73 -13.66
N PHE D 45 29.68 -23.09 -13.76
CA PHE D 45 30.10 -24.37 -13.22
C PHE D 45 29.81 -24.45 -11.73
N TRP D 46 30.22 -23.44 -10.96
CA TRP D 46 30.06 -23.54 -9.52
C TRP D 46 28.59 -23.52 -9.13
N ALA D 47 27.76 -22.79 -9.88
CA ALA D 47 26.34 -22.74 -9.57
C ALA D 47 25.70 -24.10 -9.77
N LEU D 48 26.12 -24.82 -10.81
CA LEU D 48 25.65 -26.17 -11.01
C LEU D 48 26.18 -27.10 -9.94
N TYR D 49 27.49 -27.08 -9.70
CA TYR D 49 28.08 -27.99 -8.73
C TYR D 49 27.52 -27.79 -7.33
N ASN D 50 27.30 -26.53 -6.92
CA ASN D 50 26.80 -26.27 -5.58
C ASN D 50 25.35 -26.69 -5.41
N HIS D 51 24.67 -27.03 -6.49
CA HIS D 51 23.24 -27.32 -6.55
C HIS D 51 22.94 -28.82 -6.46
N ILE D 52 23.89 -29.68 -6.75
CA ILE D 52 23.61 -31.10 -6.94
C ILE D 52 24.28 -31.90 -5.82
N GLN D 53 23.85 -33.16 -5.70
CA GLN D 53 24.34 -34.01 -4.63
C GLN D 53 25.82 -34.32 -4.84
N LEU D 54 26.57 -34.41 -3.73
CA LEU D 54 27.90 -35.00 -3.80
C LEU D 54 27.79 -36.45 -4.26
N SER D 55 28.85 -36.92 -4.94
CA SER D 55 28.88 -38.30 -5.41
C SER D 55 28.73 -39.30 -4.27
N SER D 56 29.32 -38.99 -3.12
CA SER D 56 29.24 -39.88 -1.97
C SER D 56 27.82 -40.03 -1.44
N ASN D 57 26.92 -39.14 -1.82
CA ASN D 57 25.52 -39.19 -1.39
C ASN D 57 24.60 -39.79 -2.45
N LEU D 58 25.12 -40.23 -3.57
CA LEU D 58 24.29 -40.85 -4.59
C LEU D 58 23.96 -42.28 -4.18
N MET D 59 22.81 -42.76 -4.65
CA MET D 59 22.50 -44.17 -4.45
C MET D 59 23.46 -45.03 -5.27
N PRO D 60 23.91 -46.16 -4.72
CA PRO D 60 24.72 -47.08 -5.53
C PRO D 60 23.99 -47.47 -6.79
N GLY D 61 24.70 -47.40 -7.91
CA GLY D 61 24.11 -47.63 -9.21
C GLY D 61 24.04 -46.39 -10.06
N CYS D 62 24.31 -45.22 -9.49
CA CYS D 62 24.26 -43.96 -10.20
C CYS D 62 25.64 -43.54 -10.69
N ASP D 63 25.65 -42.71 -11.73
CA ASP D 63 26.84 -42.09 -12.26
C ASP D 63 26.59 -40.62 -12.50
N TYR D 64 27.64 -39.82 -12.37
CA TYR D 64 27.74 -38.53 -13.04
C TYR D 64 28.75 -38.67 -14.17
N SER D 65 28.54 -37.94 -15.27
CA SER D 65 29.64 -37.81 -16.21
C SER D 65 29.66 -36.39 -16.73
N LEU D 66 30.87 -35.92 -17.03
CA LEU D 66 31.08 -34.59 -17.57
C LEU D 66 31.82 -34.77 -18.88
N PHE D 67 31.19 -34.36 -19.97
CA PHE D 67 31.76 -34.51 -21.29
C PHE D 67 31.70 -33.19 -22.05
N LYS D 68 32.68 -32.99 -22.93
CA LYS D 68 32.66 -31.84 -23.81
C LYS D 68 31.39 -31.87 -24.64
N ASP D 69 30.75 -30.71 -24.77
CA ASP D 69 29.56 -30.58 -25.59
C ASP D 69 29.79 -31.24 -26.94
N GLY D 70 28.86 -32.09 -27.35
CA GLY D 70 28.95 -32.79 -28.62
C GLY D 70 29.50 -34.20 -28.56
N ILE D 71 30.04 -34.62 -27.42
CA ILE D 71 30.51 -35.99 -27.22
C ILE D 71 29.54 -36.66 -26.26
N GLU D 72 28.79 -37.64 -26.77
CA GLU D 72 27.89 -38.39 -25.92
C GLU D 72 28.70 -39.20 -24.90
N PRO D 73 28.17 -39.40 -23.71
CA PRO D 73 28.90 -40.15 -22.67
C PRO D 73 28.84 -41.67 -22.88
N MET D 74 29.33 -42.14 -24.02
CA MET D 74 29.31 -43.57 -24.28
C MET D 74 30.42 -43.96 -25.24
N TRP D 75 30.83 -45.24 -25.14
CA TRP D 75 31.94 -45.77 -25.93
C TRP D 75 31.75 -45.49 -27.41
N GLU D 76 30.55 -45.73 -27.91
CA GLU D 76 30.29 -45.77 -29.35
C GLU D 76 30.33 -44.39 -30.02
N ASP D 77 30.46 -43.31 -29.24
CA ASP D 77 30.61 -41.99 -29.84
C ASP D 77 31.90 -41.95 -30.68
N GLU D 78 31.81 -41.30 -31.84
CA GLU D 78 32.95 -41.24 -32.74
C GLU D 78 34.21 -40.74 -32.06
N LYS D 79 34.08 -39.92 -31.01
CA LYS D 79 35.23 -39.40 -30.30
C LYS D 79 35.68 -40.32 -29.15
N ASN D 80 34.92 -41.37 -28.85
CA ASN D 80 35.27 -42.28 -27.77
C ASN D 80 35.68 -43.67 -28.22
N LYS D 81 35.21 -44.14 -29.38
CA LYS D 81 35.35 -45.55 -29.70
C LYS D 81 36.79 -45.97 -29.99
N ARG D 82 37.66 -45.04 -30.37
CA ARG D 82 39.06 -45.35 -30.53
C ARG D 82 39.89 -44.95 -29.30
N GLY D 83 39.23 -44.59 -28.21
CA GLY D 83 39.93 -44.11 -27.04
C GLY D 83 39.97 -45.08 -25.88
N GLY D 84 40.05 -44.54 -24.69
CA GLY D 84 40.18 -45.36 -23.49
C GLY D 84 40.01 -44.49 -22.27
N ARG D 85 40.39 -45.04 -21.12
CA ARG D 85 40.18 -44.31 -19.88
C ARG D 85 41.29 -44.58 -18.89
N TRP D 86 41.65 -43.55 -18.14
CA TRP D 86 42.47 -43.67 -16.94
C TRP D 86 41.53 -43.94 -15.77
N LEU D 87 41.70 -45.10 -15.11
CA LEU D 87 40.75 -45.57 -14.11
C LEU D 87 41.32 -45.44 -12.70
N ILE D 88 40.55 -44.82 -11.82
CA ILE D 88 40.81 -44.77 -10.40
C ILE D 88 39.78 -45.65 -9.71
N THR D 89 40.24 -46.67 -9.01
CA THR D 89 39.34 -47.54 -8.26
C THR D 89 39.50 -47.23 -6.78
N LEU D 90 38.39 -47.00 -6.10
CA LEU D 90 38.38 -46.70 -4.68
C LEU D 90 37.69 -47.85 -3.95
N ASN D 91 38.16 -48.16 -2.74
CA ASN D 91 37.49 -49.18 -1.96
C ASN D 91 36.33 -48.58 -1.17
N LYS D 92 35.56 -49.47 -0.53
CA LYS D 92 34.36 -49.06 0.18
C LYS D 92 34.66 -47.96 1.21
N GLN D 93 35.87 -47.92 1.75
CA GLN D 93 36.21 -46.90 2.73
C GLN D 93 36.54 -45.57 2.07
N GLN D 94 37.15 -45.59 0.88
CA GLN D 94 37.54 -44.36 0.19
C GLN D 94 36.36 -43.52 -0.27
N ARG D 95 35.15 -44.08 -0.34
CA ARG D 95 33.99 -43.26 -0.65
C ARG D 95 33.83 -42.15 0.39
N ARG D 96 34.16 -42.44 1.65
CA ARG D 96 34.06 -41.42 2.68
C ARG D 96 35.23 -40.45 2.60
N SER D 97 36.45 -40.97 2.41
CA SER D 97 37.64 -40.13 2.53
C SER D 97 38.05 -39.44 1.23
N ASP D 98 37.77 -40.03 0.07
CA ASP D 98 38.38 -39.54 -1.16
C ASP D 98 37.43 -39.28 -2.32
N LEU D 99 36.26 -39.92 -2.36
CA LEU D 99 35.44 -39.90 -3.56
C LEU D 99 35.11 -38.48 -4.02
N ASP D 100 34.63 -37.65 -3.09
CA ASP D 100 34.16 -36.32 -3.47
C ASP D 100 35.32 -35.39 -3.84
N ARG D 101 36.44 -35.44 -3.10
CA ARG D 101 37.54 -34.56 -3.45
C ARG D 101 38.18 -34.99 -4.76
N PHE D 102 38.33 -36.30 -4.97
CA PHE D 102 38.84 -36.80 -6.24
C PHE D 102 37.96 -36.38 -7.41
N TRP D 103 36.63 -36.44 -7.23
CA TRP D 103 35.73 -36.08 -8.33
C TRP D 103 35.77 -34.59 -8.64
N LEU D 104 35.78 -33.73 -7.61
CA LEU D 104 35.89 -32.30 -7.88
C LEU D 104 37.20 -31.97 -8.57
N GLU D 105 38.30 -32.56 -8.09
CA GLU D 105 39.60 -32.35 -8.73
C GLU D 105 39.55 -32.77 -10.20
N THR D 106 38.92 -33.91 -10.47
CA THR D 106 38.75 -34.36 -11.85
C THR D 106 37.97 -33.34 -12.66
N LEU D 107 36.85 -32.84 -12.10
CA LEU D 107 36.06 -31.83 -12.80
C LEU D 107 36.91 -30.60 -13.12
N LEU D 108 37.75 -30.16 -12.17
CA LEU D 108 38.58 -28.97 -12.37
C LEU D 108 39.70 -29.21 -13.38
N CYS D 109 40.22 -30.44 -13.44
CA CYS D 109 41.22 -30.78 -14.46
C CYS D 109 40.62 -30.66 -15.86
N LEU D 110 39.39 -31.11 -16.02
CA LEU D 110 38.72 -30.99 -17.31
C LEU D 110 38.46 -29.54 -17.66
N ILE D 111 37.66 -28.85 -16.83
CA ILE D 111 37.24 -27.51 -17.22
C ILE D 111 38.41 -26.53 -17.19
N GLY D 112 39.44 -26.83 -16.41
CA GLY D 112 40.62 -25.99 -16.33
C GLY D 112 41.69 -26.27 -17.36
N GLU D 113 41.48 -27.28 -18.22
CA GLU D 113 42.45 -27.64 -19.27
C GLU D 113 43.83 -27.88 -18.69
N SER D 114 43.87 -28.63 -17.58
CA SER D 114 45.08 -28.82 -16.79
C SER D 114 46.13 -29.66 -17.48
N PHE D 115 45.81 -30.29 -18.60
CA PHE D 115 46.75 -31.14 -19.31
C PHE D 115 47.44 -30.41 -20.46
N ASP D 116 47.35 -29.08 -20.48
CA ASP D 116 48.06 -28.21 -21.41
C ASP D 116 47.72 -28.66 -22.83
N ASP D 117 48.71 -28.85 -23.71
CA ASP D 117 48.43 -29.06 -25.12
C ASP D 117 47.68 -30.36 -25.38
N TYR D 118 47.77 -31.33 -24.48
CA TYR D 118 47.07 -32.59 -24.70
C TYR D 118 45.62 -32.53 -24.25
N SER D 119 45.17 -31.40 -23.67
CA SER D 119 43.78 -31.31 -23.23
C SER D 119 42.81 -31.55 -24.39
N ASP D 120 43.24 -31.28 -25.61
CA ASP D 120 42.43 -31.64 -26.77
C ASP D 120 42.11 -33.13 -26.84
N ASP D 121 42.93 -33.99 -26.22
CA ASP D 121 42.63 -35.42 -26.23
C ASP D 121 41.58 -35.82 -25.22
N VAL D 122 41.23 -34.95 -24.27
CA VAL D 122 40.27 -35.28 -23.22
C VAL D 122 38.86 -35.25 -23.80
N CYS D 123 38.10 -36.31 -23.55
CA CYS D 123 36.69 -36.34 -23.93
C CYS D 123 35.78 -35.99 -22.75
N GLY D 124 36.03 -36.60 -21.59
CA GLY D 124 35.21 -36.35 -20.43
C GLY D 124 35.70 -37.20 -19.28
N ALA D 125 34.88 -37.25 -18.24
CA ALA D 125 35.17 -38.04 -17.05
C ALA D 125 33.87 -38.60 -16.50
N VAL D 126 33.97 -39.73 -15.77
CA VAL D 126 32.81 -40.44 -15.24
C VAL D 126 33.10 -40.89 -13.82
N VAL D 127 32.16 -40.67 -12.90
CA VAL D 127 32.21 -41.29 -11.57
C VAL D 127 31.09 -42.31 -11.47
N ASN D 128 31.44 -43.55 -11.09
CA ASN D 128 30.47 -44.61 -10.84
C ASN D 128 30.38 -44.86 -9.33
N VAL D 129 29.18 -44.74 -8.78
CA VAL D 129 28.92 -45.09 -7.39
C VAL D 129 28.31 -46.49 -7.37
N ARG D 130 29.04 -47.45 -6.79
CA ARG D 130 28.68 -48.85 -6.83
C ARG D 130 28.92 -49.48 -5.46
N ALA D 131 28.04 -50.40 -5.09
CA ALA D 131 28.12 -51.01 -3.77
C ALA D 131 29.42 -51.79 -3.56
N LYS D 132 29.98 -52.36 -4.62
CA LYS D 132 31.22 -53.14 -4.51
C LYS D 132 32.48 -52.29 -4.71
N GLY D 133 32.34 -51.01 -5.00
CA GLY D 133 33.49 -50.14 -5.18
C GLY D 133 33.22 -49.03 -6.17
N ASP D 134 33.64 -47.80 -5.84
CA ASP D 134 33.41 -46.66 -6.72
C ASP D 134 34.56 -46.52 -7.69
N LYS D 135 34.29 -45.84 -8.82
CA LYS D 135 35.30 -45.64 -9.86
C LYS D 135 35.25 -44.21 -10.37
N ILE D 136 36.41 -43.65 -10.69
CA ILE D 136 36.51 -42.38 -11.39
C ILE D 136 37.43 -42.57 -12.57
N ALA D 137 37.05 -42.02 -13.72
CA ALA D 137 37.84 -42.26 -14.91
C ALA D 137 37.86 -41.02 -15.78
N ILE D 138 39.00 -40.74 -16.40
CA ILE D 138 39.07 -39.72 -17.43
C ILE D 138 39.14 -40.42 -18.77
N TRP D 139 38.25 -40.03 -19.68
CA TRP D 139 38.16 -40.61 -21.01
C TRP D 139 38.93 -39.73 -21.98
N THR D 140 39.73 -40.37 -22.86
CA THR D 140 40.48 -39.69 -23.92
C THR D 140 40.15 -40.32 -25.26
N THR D 141 40.47 -39.60 -26.34
CA THR D 141 39.87 -39.92 -27.64
C THR D 141 40.62 -40.96 -28.46
N GLU D 142 41.90 -41.22 -28.19
CA GLU D 142 42.66 -42.15 -29.01
C GLU D 142 43.67 -42.88 -28.13
N CYS D 143 43.47 -44.19 -27.97
CA CYS D 143 44.25 -45.00 -27.03
C CYS D 143 45.69 -45.21 -27.46
N GLU D 144 46.08 -44.83 -28.67
CA GLU D 144 47.45 -45.01 -29.13
C GLU D 144 48.21 -43.68 -29.27
N ASN D 145 47.59 -42.56 -28.90
CA ASN D 145 48.30 -41.29 -28.75
C ASN D 145 49.10 -41.36 -27.43
N ARG D 146 50.26 -42.02 -27.52
CA ARG D 146 51.02 -42.38 -26.33
C ARG D 146 51.48 -41.15 -25.56
N ASP D 147 51.93 -40.12 -26.26
CA ASP D 147 52.37 -38.90 -25.57
C ASP D 147 51.19 -38.23 -24.88
N ALA D 148 50.04 -38.18 -25.54
CA ALA D 148 48.86 -37.56 -24.93
C ALA D 148 48.43 -38.35 -23.70
N VAL D 149 48.26 -39.65 -23.85
CA VAL D 149 47.67 -40.48 -22.80
C VAL D 149 48.57 -40.49 -21.57
N THR D 150 49.88 -40.71 -21.77
CA THR D 150 50.78 -40.82 -20.62
C THR D 150 50.95 -39.48 -19.93
N HIS D 151 50.95 -38.38 -20.70
CA HIS D 151 51.01 -37.06 -20.07
C HIS D 151 49.76 -36.79 -19.26
N ILE D 152 48.58 -37.12 -19.79
CA ILE D 152 47.34 -36.90 -19.05
C ILE D 152 47.34 -37.72 -17.77
N GLY D 153 47.85 -38.96 -17.84
CA GLY D 153 47.91 -39.79 -16.66
C GLY D 153 48.83 -39.25 -15.59
N ARG D 154 50.03 -38.79 -15.98
CA ARG D 154 50.98 -38.30 -14.99
C ARG D 154 50.44 -37.08 -14.27
N VAL D 155 49.89 -36.13 -15.02
CA VAL D 155 49.33 -34.91 -14.41
C VAL D 155 48.14 -35.26 -13.54
N TYR D 156 47.26 -36.14 -14.03
CA TYR D 156 46.08 -36.53 -13.25
C TYR D 156 46.49 -37.10 -11.90
N LYS D 157 47.49 -37.98 -11.90
CA LYS D 157 47.93 -38.58 -10.64
C LYS D 157 48.54 -37.53 -9.72
N GLU D 158 49.35 -36.63 -10.26
CA GLU D 158 49.95 -35.60 -9.40
C GLU D 158 48.90 -34.64 -8.86
N ARG D 159 47.82 -34.39 -9.60
CA ARG D 159 46.78 -33.49 -9.09
C ARG D 159 45.91 -34.17 -8.05
N LEU D 160 45.74 -35.49 -8.14
CA LEU D 160 45.01 -36.23 -7.12
C LEU D 160 45.84 -36.46 -5.87
N GLY D 161 47.15 -36.26 -5.96
CA GLY D 161 48.02 -36.47 -4.81
C GLY D 161 48.25 -37.91 -4.42
N LEU D 162 48.10 -38.85 -5.34
CA LEU D 162 48.27 -40.23 -4.89
C LEU D 162 49.75 -40.63 -4.93
N PRO D 163 50.21 -41.43 -3.98
CA PRO D 163 51.63 -41.77 -3.90
C PRO D 163 52.03 -42.74 -5.00
N PRO D 164 53.33 -42.98 -5.20
CA PRO D 164 53.72 -44.02 -6.16
C PRO D 164 53.24 -45.40 -5.76
N LYS D 165 53.02 -45.62 -4.46
CA LYS D 165 52.64 -46.94 -3.98
C LYS D 165 51.34 -47.43 -4.62
N ILE D 166 50.46 -46.51 -5.00
CA ILE D 166 49.24 -46.85 -5.73
C ILE D 166 49.45 -46.50 -7.19
N VAL D 167 49.22 -47.46 -8.06
CA VAL D 167 49.37 -47.29 -9.51
C VAL D 167 47.98 -47.22 -10.12
N ILE D 168 47.82 -46.34 -11.10
CA ILE D 168 46.58 -46.24 -11.85
C ILE D 168 46.84 -46.70 -13.28
N GLY D 169 45.79 -47.20 -13.93
CA GLY D 169 45.92 -47.86 -15.20
C GLY D 169 45.12 -47.16 -16.29
N TYR D 170 45.62 -47.27 -17.52
CA TYR D 170 44.90 -46.82 -18.71
C TYR D 170 44.55 -48.02 -19.57
N GLN D 171 43.26 -48.22 -19.81
CA GLN D 171 42.77 -49.31 -20.63
C GLN D 171 41.97 -48.74 -21.78
N SER D 172 42.04 -49.39 -22.95
CA SER D 172 41.25 -48.92 -24.08
C SER D 172 39.79 -49.32 -23.90
N HIS D 173 38.88 -48.49 -24.41
CA HIS D 173 37.47 -48.86 -24.36
C HIS D 173 37.21 -50.18 -25.07
N ALA D 174 37.98 -50.49 -26.12
CA ALA D 174 37.80 -51.77 -26.81
C ALA D 174 38.17 -52.94 -25.92
N ASP D 175 39.28 -52.86 -25.21
CA ASP D 175 39.67 -53.93 -24.34
C ASP D 175 38.72 -54.10 -23.20
N THR D 176 38.20 -52.98 -22.71
CA THR D 176 37.35 -53.03 -21.55
C THR D 176 36.05 -53.68 -21.87
N ALA D 177 35.68 -53.69 -23.14
CA ALA D 177 34.40 -54.23 -23.55
C ALA D 177 34.44 -55.63 -24.18
N THR D 178 35.65 -56.12 -24.47
CA THR D 178 35.88 -57.44 -25.02
C THR D 178 36.41 -58.45 -23.99
N LYS D 179 36.42 -58.05 -22.73
CA LYS D 179 36.96 -58.87 -21.66
C LYS D 179 36.55 -60.33 -21.75
N ASN D 186 45.94 -53.43 -18.85
CA ASN D 186 46.50 -52.08 -18.80
C ASN D 186 47.51 -51.85 -19.92
N ARG D 187 47.34 -50.78 -20.68
CA ARG D 187 48.34 -50.40 -21.68
C ARG D 187 49.37 -49.43 -21.11
N PHE D 188 48.94 -48.51 -20.27
CA PHE D 188 49.84 -47.62 -19.56
C PHE D 188 49.50 -47.63 -18.09
N VAL D 189 50.49 -47.34 -17.26
CA VAL D 189 50.30 -47.18 -15.82
C VAL D 189 51.14 -46.00 -15.38
N VAL D 190 50.70 -45.36 -14.30
CA VAL D 190 51.51 -44.34 -13.65
C VAL D 190 51.25 -44.38 -12.14
C1 EI9 E . 21.92 10.17 -10.47
C10 EI9 E . 23.49 3.50 -11.08
C11 EI9 E . 23.46 3.34 -12.45
C12 EI9 E . 21.66 4.82 -12.62
C13 EI9 E . 21.64 5.01 -11.25
C14 EI9 E . 20.49 5.33 -6.21
C15 EI9 E . 20.48 6.54 -5.54
C16 EI9 E . 20.54 6.60 -4.15
C17 EI9 E . 20.64 5.42 -3.42
C18 EI9 E . 20.65 4.18 -4.06
C19 EI9 E . 20.58 4.14 -5.46
C2 EI9 E . 23.50 11.68 -9.64
C20 EI9 E . 21.83 7.86 -9.47
C21 EI9 E . 22.40 9.14 -9.51
C3 EI9 E . 23.99 10.76 -8.72
C4 EI9 E . 23.44 9.48 -8.65
C5 EI9 E . 23.92 8.55 -7.74
C6 EI9 E . 23.35 7.28 -7.69
C7 EI9 E . 22.31 6.92 -8.55
C8 EI9 E . 22.59 4.51 -8.94
C9 EI9 E . 22.56 4.35 -10.46
N1 EI9 E . 22.50 11.39 -10.49
N2 EI9 E . 21.77 5.62 -8.46
N3 EI9 E . 22.56 4.00 -13.19
O1 EI9 E . 20.99 9.92 -11.27
O2 EI9 E . 19.45 6.32 -8.23
O3 EI9 E . 19.94 4.03 -8.27
O4 EI9 E . 20.85 3.14 -1.79
O5 EI9 E . 21.90 2.08 -3.60
S1 EI9 E . 20.40 5.31 -7.83
S2 EI9 E . 20.77 2.84 -3.19
C1 EI9 F . -19.86 -10.15 13.37
C10 EI9 F . -21.21 -3.47 14.66
C11 EI9 F . -22.43 -3.25 14.04
C12 EI9 F . -21.79 -4.60 12.25
C13 EI9 F . -20.54 -4.84 12.84
C14 EI9 F . -15.52 -5.31 13.98
C15 EI9 F . -14.91 -6.55 14.12
C16 EI9 F . -13.69 -6.67 14.77
C17 EI9 F . -13.05 -5.55 15.29
C18 EI9 F . -13.65 -4.30 15.17
C19 EI9 F . -14.88 -4.18 14.51
C2 EI9 F . -19.77 -11.69 15.12
C20 EI9 F . -18.97 -7.83 13.77
C21 EI9 F . -19.23 -9.12 14.24
C3 EI9 F . -19.18 -10.75 15.98
C4 EI9 F . -18.91 -9.47 15.54
C5 EI9 F . -18.33 -8.53 16.40
C6 EI9 F . -18.06 -7.25 15.93
C7 EI9 F . -18.38 -6.88 14.62
C8 EI9 F . -18.90 -4.48 14.75
C9 EI9 F . -20.25 -4.27 14.07
N1 EI9 F . -20.09 -11.38 13.85
N2 EI9 F . -18.10 -5.57 14.20
N3 EI9 F . -22.70 -3.82 12.86
O1 EI9 F . -20.16 -9.89 12.19
O2 EI9 F . -16.89 -6.22 12.17
O3 EI9 F . -17.12 -3.95 12.63
O4 EI9 F . -12.18 -3.42 16.98
O5 EI9 F . -13.76 -1.96 16.09
S1 EI9 F . -16.94 -5.25 13.22
S2 EI9 F . -12.87 -3.04 15.78
C1 EI9 G . -33.76 47.33 15.11
C10 EI9 G . -27.68 44.33 16.41
C11 EI9 G . -27.89 43.07 15.86
C12 EI9 G . -30.08 43.05 16.65
C13 EI9 G . -29.92 44.32 17.22
C14 EI9 G . -29.49 48.78 19.84
C15 EI9 G . -30.22 49.96 19.62
C16 EI9 G . -29.70 51.19 20.01
C17 EI9 G . -28.46 51.27 20.60
C18 EI9 G . -27.71 50.11 20.82
C19 EI9 G . -28.23 48.87 20.44
C2 EI9 G . -33.72 48.70 13.23
C20 EI9 G . -31.70 47.20 16.55
C21 EI9 G . -32.36 47.72 15.43
C3 EI9 G . -32.40 49.09 13.48
C4 EI9 G . -31.72 48.60 14.59
C5 EI9 G . -30.41 48.98 14.85
C6 EI9 G . -29.76 48.48 15.97
C7 EI9 G . -30.39 47.58 16.83
C8 EI9 G . -28.46 46.34 17.69
C9 EI9 G . -28.70 44.97 17.10
N1 EI9 G . -34.36 47.84 14.02
N2 EI9 G . -29.68 47.09 17.94
N3 EI9 G . -29.08 42.47 15.99
O1 EI9 G . -34.37 46.53 15.85
O2 EI9 G . -31.52 47.42 19.54
O3 EI9 G . -29.57 46.32 20.24
O4 EI9 G . -25.65 51.47 21.21
O5 EI9 G . -25.42 49.14 21.06
S1 EI9 G . -30.10 47.37 19.40
S2 EI9 G . -26.26 50.19 21.51
C1 EI9 H . 28.94 -47.45 -22.81
C10 EI9 H . 27.41 -43.97 -17.15
C11 EI9 H . 27.29 -42.67 -17.61
C12 EI9 H . 29.20 -42.94 -18.94
C13 EI9 H . 29.36 -44.25 -18.50
C14 EI9 H . 31.30 -48.44 -16.84
C15 EI9 H . 31.43 -49.57 -17.65
C16 EI9 H . 31.68 -50.81 -17.06
C17 EI9 H . 31.78 -50.92 -15.68
C18 EI9 H . 31.64 -49.80 -14.88
C19 EI9 H . 31.40 -48.55 -15.46
C2 EI9 H . 27.66 -49.25 -23.58
C20 EI9 H . 29.24 -47.19 -20.32
C21 EI9 H . 28.70 -47.89 -21.40
C3 EI9 H . 27.41 -49.70 -22.28
C4 EI9 H . 27.93 -49.02 -21.19
C5 EI9 H . 27.69 -49.46 -19.90
C6 EI9 H . 28.22 -48.77 -18.81
C7 EI9 H . 29.00 -47.63 -19.01
C8 EI9 H . 28.59 -46.19 -17.08
C9 EI9 H . 28.46 -44.77 -17.59
N1 EI9 H . 28.41 -48.16 -23.82
N2 EI9 H . 29.52 -46.94 -17.90
N3 EI9 H . 28.18 -42.19 -18.50
O1 EI9 H . 29.64 -46.44 -23.04
O2 EI9 H . 31.85 -46.88 -18.66
O3 EI9 H . 31.34 -45.96 -16.58
O4 EI9 H . 31.65 -48.63 -12.69
O5 EI9 H . 30.74 -50.78 -12.77
S1 EI9 H . 31.01 -47.02 -17.51
S2 EI9 H . 31.76 -49.91 -13.29
#